data_1BHB
#
_entry.id   1BHB
#
_cell.length_a   1.000
_cell.length_b   1.000
_cell.length_c   1.000
_cell.angle_alpha   90.00
_cell.angle_beta   90.00
_cell.angle_gamma   90.00
#
_symmetry.space_group_name_H-M   'P 1'
#
_entity_poly.entity_id   1
_entity_poly.type   'polypeptide(L)'
_entity_poly.pdbx_seq_one_letter_code
;QAQITGRPEWIWLALGTALMGLGTLYFLVKGMGVSDPDAKKFYAITTLVPAIAFTMYLSMLLGYGLTMVPF
;
_entity_poly.pdbx_strand_id   A
#
# COMPACT_ATOMS: atom_id res chain seq x y z
N ALA A 2 2.41 7.83 22.22
CA ALA A 2 3.02 6.59 22.68
C ALA A 2 4.50 6.57 22.28
N GLN A 3 5.25 7.47 22.87
CA GLN A 3 6.67 7.57 22.59
C GLN A 3 7.41 6.35 23.14
N ILE A 4 6.71 5.60 23.97
CA ILE A 4 7.28 4.41 24.58
C ILE A 4 7.06 3.22 23.65
N THR A 5 6.52 3.51 22.47
CA THR A 5 6.26 2.48 21.49
C THR A 5 5.46 1.34 22.11
N GLY A 6 4.17 1.59 22.30
CA GLY A 6 3.29 0.59 22.89
C GLY A 6 3.11 -0.61 21.95
N ARG A 7 3.29 -0.35 20.66
CA ARG A 7 3.15 -1.39 19.66
C ARG A 7 4.02 -1.06 18.44
N PRO A 8 4.43 -2.14 17.72
CA PRO A 8 5.25 -1.98 16.54
C PRO A 8 4.41 -1.53 15.34
N GLU A 9 4.16 -0.23 15.29
CA GLU A 9 3.37 0.34 14.21
C GLU A 9 4.15 0.27 12.89
N TRP A 10 5.46 0.08 13.02
CA TRP A 10 6.31 0.00 11.85
C TRP A 10 6.02 -1.34 11.16
N ILE A 11 5.86 -2.37 11.97
CA ILE A 11 5.58 -3.70 11.45
C ILE A 11 4.14 -3.75 10.95
N TRP A 12 3.27 -3.06 11.66
CA TRP A 12 1.86 -3.02 11.29
C TRP A 12 1.75 -2.29 9.96
N LEU A 13 2.60 -1.28 9.79
CA LEU A 13 2.60 -0.50 8.57
C LEU A 13 3.15 -1.35 7.42
N ALA A 14 4.16 -2.15 7.76
CA ALA A 14 4.77 -3.01 6.76
C ALA A 14 3.75 -4.04 6.27
N LEU A 15 2.98 -4.56 7.22
CA LEU A 15 1.96 -5.54 6.89
C LEU A 15 0.86 -4.88 6.06
N GLY A 16 0.50 -3.67 6.47
CA GLY A 16 -0.53 -2.92 5.77
C GLY A 16 -0.10 -2.59 4.34
N THR A 17 1.19 -2.33 4.19
CA THR A 17 1.74 -2.00 2.88
C THR A 17 1.78 -3.24 2.00
N ALA A 18 2.10 -4.38 2.62
CA ALA A 18 2.17 -5.63 1.90
C ALA A 18 0.77 -6.01 1.41
N LEU A 19 -0.20 -5.84 2.29
CA LEU A 19 -1.58 -6.17 1.95
C LEU A 19 -2.04 -5.26 0.81
N MET A 20 -1.79 -3.98 0.96
CA MET A 20 -2.17 -3.01 -0.06
C MET A 20 -1.51 -3.33 -1.40
N GLY A 21 -0.25 -3.74 -1.32
CA GLY A 21 0.50 -4.08 -2.51
C GLY A 21 -0.15 -5.24 -3.27
N LEU A 22 -0.38 -6.32 -2.53
CA LEU A 22 -1.00 -7.50 -3.13
C LEU A 22 -2.39 -7.14 -3.64
N GLY A 23 -3.03 -6.22 -2.93
CA GLY A 23 -4.36 -5.77 -3.31
C GLY A 23 -4.34 -5.05 -4.65
N THR A 24 -3.31 -4.24 -4.84
CA THR A 24 -3.16 -3.49 -6.07
C THR A 24 -2.87 -4.43 -7.24
N LEU A 25 -2.00 -5.39 -6.98
CA LEU A 25 -1.63 -6.36 -8.00
C LEU A 25 -2.87 -7.16 -8.41
N TYR A 26 -3.62 -7.59 -7.39
CA TYR A 26 -4.83 -8.36 -7.63
C TYR A 26 -5.85 -7.55 -8.43
N PHE A 27 -5.94 -6.27 -8.09
CA PHE A 27 -6.87 -5.38 -8.76
C PHE A 27 -6.48 -5.20 -10.23
N LEU A 28 -5.18 -5.18 -10.47
CA LEU A 28 -4.67 -5.01 -11.82
C LEU A 28 -4.99 -6.25 -12.65
N VAL A 29 -4.91 -7.40 -11.99
CA VAL A 29 -5.20 -8.67 -12.65
C VAL A 29 -6.66 -8.68 -13.09
N LYS A 30 -7.52 -8.16 -12.23
CA LYS A 30 -8.94 -8.12 -12.52
C LYS A 30 -9.19 -7.14 -13.68
N GLY A 31 -8.48 -6.02 -13.62
CA GLY A 31 -8.61 -5.00 -14.65
C GLY A 31 -8.12 -5.53 -16.01
N MET A 32 -7.12 -6.38 -15.94
CA MET A 32 -6.55 -6.97 -17.15
C MET A 32 -7.59 -7.80 -17.90
N GLY A 33 -8.33 -8.59 -17.12
CA GLY A 33 -9.36 -9.45 -17.70
C GLY A 33 -9.65 -10.64 -16.78
N VAL A 34 -8.92 -11.72 -17.02
CA VAL A 34 -9.09 -12.92 -16.23
C VAL A 34 -8.79 -12.62 -14.76
N PRO A 37 -16.90 1.30 -15.32
CA PRO A 37 -18.11 1.57 -14.56
C PRO A 37 -18.50 3.05 -14.67
N ASP A 38 -17.51 3.86 -15.02
CA ASP A 38 -17.74 5.29 -15.15
C ASP A 38 -16.83 5.85 -16.25
N ALA A 39 -15.54 5.59 -16.10
CA ALA A 39 -14.57 6.05 -17.07
C ALA A 39 -13.30 5.19 -16.96
N LYS A 40 -12.47 5.28 -17.99
CA LYS A 40 -11.24 4.52 -18.02
C LYS A 40 -10.28 5.07 -16.97
N LYS A 41 -10.32 6.39 -16.81
CA LYS A 41 -9.45 7.05 -15.84
C LYS A 41 -9.88 6.63 -14.43
N PHE A 42 -11.17 6.69 -14.19
CA PHE A 42 -11.71 6.33 -12.90
C PHE A 42 -11.39 4.86 -12.56
N TYR A 43 -11.49 4.03 -13.57
CA TYR A 43 -11.22 2.61 -13.39
C TYR A 43 -9.73 2.37 -13.09
N ALA A 44 -8.89 3.15 -13.76
CA ALA A 44 -7.46 3.04 -13.57
C ALA A 44 -7.11 3.38 -12.11
N ILE A 45 -7.66 4.50 -11.66
CA ILE A 45 -7.42 4.95 -10.30
C ILE A 45 -7.94 3.91 -9.32
N THR A 46 -9.11 3.36 -9.66
CA THR A 46 -9.72 2.34 -8.81
C THR A 46 -8.85 1.09 -8.75
N THR A 47 -8.13 0.86 -9.84
CA THR A 47 -7.25 -0.30 -9.92
C THR A 47 -5.88 0.03 -9.32
N LEU A 48 -5.63 1.33 -9.16
CA LEU A 48 -4.37 1.78 -8.61
C LEU A 48 -4.59 2.24 -7.16
N VAL A 49 -5.75 1.87 -6.64
CA VAL A 49 -6.10 2.24 -5.27
C VAL A 49 -5.07 1.64 -4.31
N PRO A 50 -4.81 0.32 -4.49
CA PRO A 50 -3.85 -0.38 -3.65
C PRO A 50 -2.42 -0.01 -4.03
N ALA A 51 -2.25 0.44 -5.27
CA ALA A 51 -0.95 0.83 -5.76
C ALA A 51 -0.53 2.14 -5.10
N ILE A 52 -1.49 3.03 -4.95
CA ILE A 52 -1.23 4.32 -4.33
C ILE A 52 -1.07 4.14 -2.82
N ALA A 53 -1.90 3.25 -2.27
CA ALA A 53 -1.85 2.98 -0.85
C ALA A 53 -0.48 2.38 -0.49
N PHE A 54 -0.01 1.50 -1.36
CA PHE A 54 1.27 0.85 -1.14
C PHE A 54 2.42 1.85 -1.29
N THR A 55 2.27 2.74 -2.26
CA THR A 55 3.28 3.75 -2.51
C THR A 55 3.39 4.70 -1.30
N MET A 56 2.23 5.07 -0.78
CA MET A 56 2.18 5.96 0.36
C MET A 56 2.78 5.31 1.61
N TYR A 57 2.41 4.05 1.80
CA TYR A 57 2.91 3.30 2.94
C TYR A 57 4.42 3.07 2.84
N LEU A 58 4.86 2.84 1.62
CA LEU A 58 6.28 2.60 1.36
C LEU A 58 7.06 3.88 1.65
N SER A 59 6.49 5.00 1.22
CA SER A 59 7.12 6.29 1.44
C SER A 59 7.15 6.63 2.92
N MET A 60 6.10 6.18 3.62
CA MET A 60 6.01 6.44 5.04
C MET A 60 7.06 5.64 5.82
N LEU A 61 7.12 4.36 5.52
CA LEU A 61 8.07 3.48 6.18
C LEU A 61 9.49 3.91 5.82
N LEU A 62 9.64 4.41 4.60
CA LEU A 62 10.93 4.87 4.13
C LEU A 62 11.29 6.18 4.84
N GLY A 63 10.28 7.00 5.07
CA GLY A 63 10.49 8.28 5.74
C GLY A 63 11.11 8.07 7.12
N TYR A 64 10.56 7.13 7.86
CA TYR A 64 11.05 6.83 9.19
C TYR A 64 12.32 5.97 9.12
N GLY A 65 12.35 5.11 8.12
CA GLY A 65 13.50 4.23 7.94
C GLY A 65 13.58 3.19 9.06
N LEU A 66 12.49 2.45 9.21
CA LEU A 66 12.42 1.42 10.23
C LEU A 66 12.51 0.04 9.57
N THR A 67 11.46 -0.27 8.82
CA THR A 67 11.40 -1.55 8.13
C THR A 67 12.27 -1.52 6.88
N MET A 68 12.28 -0.36 6.23
CA MET A 68 13.07 -0.19 5.02
C MET A 68 14.55 -0.08 5.35
N VAL A 69 14.83 0.46 6.53
CA VAL A 69 16.21 0.63 6.96
C VAL A 69 16.35 0.11 8.39
N PRO A 70 16.50 -1.23 8.51
CA PRO A 70 16.64 -1.86 9.81
C PRO A 70 18.04 -1.62 10.39
N ALA A 2 5.28 -5.69 26.85
CA ALA A 2 5.45 -4.68 27.88
C ALA A 2 6.92 -4.64 28.32
N GLN A 3 7.23 -3.63 29.12
CA GLN A 3 8.60 -3.47 29.61
C GLN A 3 9.48 -2.85 28.52
N ILE A 4 9.64 -3.60 27.45
CA ILE A 4 10.47 -3.14 26.34
C ILE A 4 9.58 -2.39 25.33
N THR A 5 8.35 -2.16 25.75
CA THR A 5 7.40 -1.45 24.90
C THR A 5 7.63 -1.80 23.43
N GLY A 6 7.45 -3.08 23.13
CA GLY A 6 7.63 -3.56 21.77
C GLY A 6 6.41 -3.23 20.90
N ARG A 7 6.36 -1.98 20.47
CA ARG A 7 5.26 -1.53 19.64
C ARG A 7 5.51 -1.90 18.17
N PRO A 8 4.66 -2.83 17.66
CA PRO A 8 4.79 -3.28 16.28
C PRO A 8 4.02 -2.36 15.33
N GLU A 9 4.35 -1.08 15.40
CA GLU A 9 3.71 -0.09 14.55
C GLU A 9 4.32 -0.11 13.15
N TRP A 10 5.63 -0.19 13.11
CA TRP A 10 6.35 -0.22 11.85
C TRP A 10 6.07 -1.57 11.18
N ILE A 11 5.85 -2.57 12.00
CA ILE A 11 5.57 -3.91 11.51
C ILE A 11 4.15 -3.96 10.95
N TRP A 12 3.24 -3.32 11.68
CA TRP A 12 1.85 -3.28 11.27
C TRP A 12 1.75 -2.47 9.97
N LEU A 13 2.60 -1.45 9.89
CA LEU A 13 2.63 -0.60 8.72
C LEU A 13 3.16 -1.40 7.52
N ALA A 14 4.19 -2.19 7.80
CA ALA A 14 4.80 -3.00 6.77
C ALA A 14 3.77 -4.00 6.23
N LEU A 15 3.02 -4.58 7.15
CA LEU A 15 1.99 -5.55 6.79
C LEU A 15 0.89 -4.84 6.01
N GLY A 16 0.61 -3.61 6.40
CA GLY A 16 -0.42 -2.82 5.75
C GLY A 16 -0.03 -2.49 4.31
N THR A 17 1.25 -2.16 4.13
CA THR A 17 1.76 -1.82 2.82
C THR A 17 1.80 -3.07 1.93
N ALA A 18 2.13 -4.18 2.54
CA ALA A 18 2.21 -5.44 1.82
C ALA A 18 0.81 -5.84 1.36
N LEU A 19 -0.14 -5.71 2.27
CA LEU A 19 -1.52 -6.05 1.97
C LEU A 19 -2.03 -5.17 0.83
N MET A 20 -1.72 -3.87 0.95
CA MET A 20 -2.14 -2.92 -0.06
C MET A 20 -1.53 -3.26 -1.42
N GLY A 21 -0.27 -3.64 -1.39
CA GLY A 21 0.43 -3.99 -2.61
C GLY A 21 -0.21 -5.20 -3.29
N LEU A 22 -0.52 -6.20 -2.49
CA LEU A 22 -1.15 -7.40 -3.00
C LEU A 22 -2.52 -7.06 -3.56
N GLY A 23 -3.19 -6.15 -2.89
CA GLY A 23 -4.52 -5.71 -3.31
C GLY A 23 -4.45 -5.02 -4.67
N THR A 24 -3.42 -4.22 -4.84
CA THR A 24 -3.23 -3.49 -6.08
C THR A 24 -2.93 -4.45 -7.23
N LEU A 25 -2.09 -5.42 -6.94
CA LEU A 25 -1.71 -6.41 -7.93
C LEU A 25 -2.95 -7.22 -8.34
N TYR A 26 -3.73 -7.59 -7.33
CA TYR A 26 -4.94 -8.35 -7.57
C TYR A 26 -5.95 -7.55 -8.41
N PHE A 27 -5.99 -6.26 -8.14
CA PHE A 27 -6.89 -5.38 -8.86
C PHE A 27 -6.46 -5.22 -10.32
N LEU A 28 -5.15 -5.24 -10.52
CA LEU A 28 -4.60 -5.10 -11.85
C LEU A 28 -4.85 -6.37 -12.65
N VAL A 29 -4.75 -7.49 -11.95
CA VAL A 29 -4.97 -8.79 -12.57
C VAL A 29 -6.43 -8.89 -13.02
N LYS A 30 -7.32 -8.45 -12.14
CA LYS A 30 -8.74 -8.48 -12.43
C LYS A 30 -9.06 -7.46 -13.52
N GLY A 31 -8.37 -6.33 -13.44
CA GLY A 31 -8.57 -5.27 -14.42
C GLY A 31 -8.18 -5.73 -15.83
N MET A 32 -7.09 -6.49 -15.88
CA MET A 32 -6.60 -6.99 -17.16
C MET A 32 -7.47 -8.14 -17.65
N GLY A 33 -7.92 -8.96 -16.72
CA GLY A 33 -8.76 -10.10 -17.05
C GLY A 33 -7.92 -11.27 -17.54
N VAL A 34 -7.22 -11.89 -16.59
CA VAL A 34 -6.37 -13.02 -16.90
C VAL A 34 -7.25 -14.25 -17.17
N PRO A 37 -18.54 7.36 -13.66
CA PRO A 37 -18.79 6.39 -12.61
C PRO A 37 -18.07 5.07 -12.90
N ASP A 38 -17.85 4.82 -14.18
CA ASP A 38 -17.17 3.60 -14.60
C ASP A 38 -16.32 3.90 -15.83
N ALA A 39 -15.75 5.09 -15.84
CA ALA A 39 -14.90 5.51 -16.94
C ALA A 39 -13.58 4.73 -16.89
N LYS A 40 -12.82 4.85 -17.97
CA LYS A 40 -11.54 4.17 -18.06
C LYS A 40 -10.58 4.78 -17.05
N LYS A 41 -10.67 6.10 -16.89
CA LYS A 41 -9.83 6.80 -15.95
C LYS A 41 -10.21 6.42 -14.52
N PHE A 42 -11.50 6.37 -14.28
CA PHE A 42 -12.00 6.01 -12.97
C PHE A 42 -11.61 4.59 -12.59
N TYR A 43 -11.67 3.71 -13.58
CA TYR A 43 -11.32 2.32 -13.37
C TYR A 43 -9.82 2.16 -13.09
N ALA A 44 -9.03 2.95 -13.81
CA ALA A 44 -7.59 2.92 -13.64
C ALA A 44 -7.24 3.36 -12.22
N ILE A 45 -7.86 4.44 -11.79
CA ILE A 45 -7.62 4.98 -10.46
C ILE A 45 -8.05 3.94 -9.42
N THR A 46 -9.19 3.33 -9.69
CA THR A 46 -9.72 2.32 -8.78
C THR A 46 -8.79 1.11 -8.73
N THR A 47 -8.06 0.91 -9.81
CA THR A 47 -7.13 -0.20 -9.90
C THR A 47 -5.77 0.19 -9.31
N LEU A 48 -5.57 1.49 -9.20
CA LEU A 48 -4.32 2.01 -8.66
C LEU A 48 -4.54 2.46 -7.21
N VAL A 49 -5.71 2.12 -6.70
CA VAL A 49 -6.06 2.48 -5.33
C VAL A 49 -5.04 1.84 -4.37
N PRO A 50 -4.81 0.52 -4.56
CA PRO A 50 -3.88 -0.21 -3.73
C PRO A 50 -2.43 0.14 -4.08
N ALA A 51 -2.26 0.61 -5.32
CA ALA A 51 -0.94 0.97 -5.80
C ALA A 51 -0.49 2.26 -5.11
N ILE A 52 -1.44 3.18 -4.96
CA ILE A 52 -1.15 4.46 -4.33
C ILE A 52 -1.01 4.24 -2.82
N ALA A 53 -1.83 3.36 -2.30
CA ALA A 53 -1.81 3.05 -0.88
C ALA A 53 -0.46 2.42 -0.51
N PHE A 54 -0.01 1.52 -1.37
CA PHE A 54 1.26 0.85 -1.16
C PHE A 54 2.43 1.83 -1.28
N THR A 55 2.32 2.71 -2.27
CA THR A 55 3.36 3.70 -2.49
C THR A 55 3.48 4.64 -1.29
N MET A 56 2.33 5.06 -0.80
CA MET A 56 2.29 5.95 0.35
C MET A 56 2.88 5.27 1.60
N TYR A 57 2.44 4.04 1.81
CA TYR A 57 2.91 3.28 2.96
C TYR A 57 4.41 3.04 2.89
N LEU A 58 4.89 2.79 1.67
CA LEU A 58 6.30 2.55 1.46
C LEU A 58 7.08 3.83 1.75
N SER A 59 6.50 4.94 1.35
CA SER A 59 7.12 6.24 1.57
C SER A 59 7.15 6.56 3.06
N MET A 60 6.18 6.03 3.77
CA MET A 60 6.09 6.25 5.21
C MET A 60 7.11 5.40 5.96
N LEU A 61 7.14 4.12 5.62
CA LEU A 61 8.07 3.20 6.24
C LEU A 61 9.50 3.65 5.97
N LEU A 62 9.71 4.09 4.74
CA LEU A 62 11.04 4.55 4.33
C LEU A 62 11.29 5.95 4.91
N GLY A 63 10.20 6.69 5.06
CA GLY A 63 10.29 8.04 5.61
C GLY A 63 11.02 8.04 6.96
N TYR A 64 10.56 7.16 7.83
CA TYR A 64 11.15 7.04 9.16
C TYR A 64 12.66 6.85 9.07
N GLY A 65 13.05 5.70 8.52
CA GLY A 65 14.46 5.39 8.38
C GLY A 65 15.14 5.26 9.75
N LEU A 66 14.35 4.81 10.73
CA LEU A 66 14.86 4.64 12.07
C LEU A 66 15.36 3.21 12.24
N THR A 67 14.42 2.27 12.19
CA THR A 67 14.76 0.86 12.35
C THR A 67 14.06 0.03 11.27
N MET A 68 13.67 0.72 10.20
CA MET A 68 13.00 0.05 9.09
C MET A 68 13.95 -0.13 7.90
N VAL A 69 14.58 0.97 7.51
CA VAL A 69 15.51 0.92 6.39
C VAL A 69 16.38 2.17 6.43
N PRO A 70 17.33 2.19 7.41
CA PRO A 70 18.23 3.33 7.55
C PRO A 70 19.30 3.32 6.46
N ALA A 2 15.92 8.11 16.31
CA ALA A 2 15.36 7.01 17.07
C ALA A 2 14.71 6.01 16.11
N GLN A 3 15.40 5.77 15.01
CA GLN A 3 14.89 4.84 14.01
C GLN A 3 15.44 3.44 14.26
N ILE A 4 15.02 2.87 15.38
CA ILE A 4 15.46 1.53 15.75
C ILE A 4 15.07 0.55 14.65
N THR A 5 14.12 0.96 13.82
CA THR A 5 13.65 0.14 12.73
C THR A 5 13.20 -1.23 13.25
N GLY A 6 12.31 -1.20 14.23
CA GLY A 6 11.80 -2.42 14.82
C GLY A 6 10.62 -2.12 15.76
N ARG A 7 9.75 -1.25 15.30
CA ARG A 7 8.58 -0.87 16.08
C ARG A 7 7.36 -1.65 15.62
N PRO A 8 6.43 -1.90 16.59
CA PRO A 8 5.22 -2.63 16.28
C PRO A 8 4.37 -1.89 15.25
N GLU A 9 4.45 -0.57 15.30
CA GLU A 9 3.70 0.27 14.39
C GLU A 9 4.32 0.21 12.99
N TRP A 10 5.64 0.09 12.97
CA TRP A 10 6.37 0.03 11.71
C TRP A 10 6.08 -1.33 11.07
N ILE A 11 5.97 -2.33 11.91
CA ILE A 11 5.68 -3.69 11.45
C ILE A 11 4.25 -3.75 10.92
N TRP A 12 3.36 -3.08 11.65
CA TRP A 12 1.95 -3.06 11.28
C TRP A 12 1.84 -2.31 9.94
N LEU A 13 2.65 -1.28 9.81
CA LEU A 13 2.65 -0.48 8.59
C LEU A 13 3.16 -1.32 7.42
N ALA A 14 4.20 -2.10 7.71
CA ALA A 14 4.80 -2.94 6.70
C ALA A 14 3.76 -3.95 6.21
N LEU A 15 3.02 -4.50 7.16
CA LEU A 15 1.99 -5.48 6.85
C LEU A 15 0.89 -4.80 6.03
N GLY A 16 0.56 -3.59 6.43
CA GLY A 16 -0.47 -2.82 5.75
C GLY A 16 -0.08 -2.55 4.29
N THR A 17 1.19 -2.24 4.10
CA THR A 17 1.71 -1.96 2.77
C THR A 17 1.74 -3.25 1.93
N ALA A 18 2.02 -4.35 2.61
CA ALA A 18 2.07 -5.64 1.94
C ALA A 18 0.69 -6.02 1.44
N LEU A 19 -0.29 -5.87 2.32
CA LEU A 19 -1.66 -6.19 1.98
C LEU A 19 -2.14 -5.28 0.84
N MET A 20 -1.77 -4.01 0.97
CA MET A 20 -2.14 -3.02 -0.03
C MET A 20 -1.52 -3.36 -1.39
N GLY A 21 -0.29 -3.83 -1.33
CA GLY A 21 0.43 -4.19 -2.55
C GLY A 21 -0.22 -5.39 -3.24
N LEU A 22 -0.56 -6.38 -2.44
CA LEU A 22 -1.19 -7.58 -2.95
C LEU A 22 -2.57 -7.23 -3.53
N GLY A 23 -3.24 -6.33 -2.84
CA GLY A 23 -4.56 -5.89 -3.28
C GLY A 23 -4.48 -5.12 -4.60
N THR A 24 -3.41 -4.36 -4.73
CA THR A 24 -3.19 -3.58 -5.93
C THR A 24 -2.90 -4.49 -7.13
N LEU A 25 -2.06 -5.48 -6.86
CA LEU A 25 -1.69 -6.43 -7.91
C LEU A 25 -2.92 -7.21 -8.35
N TYR A 26 -3.70 -7.64 -7.36
CA TYR A 26 -4.90 -8.40 -7.64
C TYR A 26 -5.88 -7.57 -8.49
N PHE A 27 -6.00 -6.30 -8.12
CA PHE A 27 -6.89 -5.40 -8.83
C PHE A 27 -6.40 -5.15 -10.26
N LEU A 28 -5.09 -5.18 -10.41
CA LEU A 28 -4.48 -4.96 -11.72
C LEU A 28 -4.80 -6.14 -12.63
N VAL A 29 -4.71 -7.33 -12.05
CA VAL A 29 -4.99 -8.55 -12.80
C VAL A 29 -6.45 -8.54 -13.26
N LYS A 30 -7.31 -8.08 -12.37
CA LYS A 30 -8.73 -8.01 -12.68
C LYS A 30 -8.96 -6.98 -13.80
N GLY A 31 -8.26 -5.86 -13.68
CA GLY A 31 -8.39 -4.80 -14.67
C GLY A 31 -7.90 -5.28 -16.04
N MET A 32 -6.83 -6.06 -16.02
CA MET A 32 -6.26 -6.59 -17.25
C MET A 32 -7.19 -7.65 -17.86
N GLY A 33 -7.78 -8.46 -16.99
CA GLY A 33 -8.68 -9.51 -17.44
C GLY A 33 -9.94 -8.91 -18.08
N VAL A 34 -10.45 -7.87 -17.43
CA VAL A 34 -11.65 -7.21 -17.93
C VAL A 34 -11.66 -5.76 -17.44
N PRO A 37 -13.01 10.87 -17.98
CA PRO A 37 -12.71 10.73 -16.56
C PRO A 37 -13.34 9.44 -15.99
N ASP A 38 -14.55 9.17 -16.47
CA ASP A 38 -15.27 7.98 -16.02
C ASP A 38 -15.40 7.00 -17.18
N ALA A 39 -14.45 7.09 -18.11
CA ALA A 39 -14.45 6.22 -19.27
C ALA A 39 -13.41 5.11 -19.06
N LYS A 40 -12.41 5.42 -18.26
CA LYS A 40 -11.36 4.46 -17.97
C LYS A 40 -10.51 4.97 -16.80
N LYS A 41 -10.19 6.26 -16.87
CA LYS A 41 -9.38 6.88 -15.83
C LYS A 41 -9.91 6.46 -14.46
N PHE A 42 -11.22 6.50 -14.33
CA PHE A 42 -11.87 6.12 -13.09
C PHE A 42 -11.48 4.71 -12.67
N TYR A 43 -11.63 3.78 -13.60
CA TYR A 43 -11.29 2.39 -13.35
C TYR A 43 -9.79 2.23 -13.11
N ALA A 44 -9.02 3.11 -13.73
CA ALA A 44 -7.57 3.08 -13.59
C ALA A 44 -7.20 3.41 -12.14
N ILE A 45 -7.74 4.52 -11.68
CA ILE A 45 -7.47 4.97 -10.32
C ILE A 45 -7.98 3.93 -9.33
N THR A 46 -9.14 3.36 -9.66
CA THR A 46 -9.74 2.35 -8.82
C THR A 46 -8.85 1.11 -8.74
N THR A 47 -8.12 0.88 -9.83
CA THR A 47 -7.22 -0.26 -9.91
C THR A 47 -5.86 0.08 -9.31
N LEU A 48 -5.62 1.38 -9.17
CA LEU A 48 -4.37 1.86 -8.62
C LEU A 48 -4.59 2.32 -7.17
N VAL A 49 -5.74 1.95 -6.64
CA VAL A 49 -6.09 2.31 -5.28
C VAL A 49 -5.07 1.71 -4.32
N PRO A 50 -4.81 0.39 -4.51
CA PRO A 50 -3.85 -0.31 -3.66
C PRO A 50 -2.42 0.06 -4.04
N ALA A 51 -2.26 0.50 -5.28
CA ALA A 51 -0.94 0.90 -5.77
C ALA A 51 -0.52 2.20 -5.10
N ILE A 52 -1.48 3.10 -4.96
CA ILE A 52 -1.22 4.38 -4.34
C ILE A 52 -1.05 4.19 -2.83
N ALA A 53 -1.88 3.32 -2.28
CA ALA A 53 -1.85 3.04 -0.85
C ALA A 53 -0.49 2.44 -0.50
N PHE A 54 -0.01 1.55 -1.38
CA PHE A 54 1.26 0.91 -1.17
C PHE A 54 2.42 1.91 -1.30
N THR A 55 2.27 2.80 -2.26
CA THR A 55 3.29 3.81 -2.50
C THR A 55 3.41 4.74 -1.29
N MET A 56 2.27 5.13 -0.76
CA MET A 56 2.23 6.01 0.39
C MET A 56 2.83 5.32 1.63
N TYR A 57 2.43 4.08 1.82
CA TYR A 57 2.92 3.30 2.95
C TYR A 57 4.43 3.08 2.84
N LEU A 58 4.88 2.82 1.63
CA LEU A 58 6.28 2.58 1.37
C LEU A 58 7.08 3.85 1.70
N SER A 59 6.53 4.97 1.27
CA SER A 59 7.17 6.26 1.50
C SER A 59 7.23 6.54 3.01
N MET A 60 6.19 6.11 3.69
CA MET A 60 6.11 6.32 5.14
C MET A 60 7.14 5.45 5.87
N LEU A 61 7.27 4.21 5.39
CA LEU A 61 8.21 3.29 6.00
C LEU A 61 9.63 3.74 5.68
N LEU A 62 9.78 4.39 4.54
CA LEU A 62 11.08 4.88 4.12
C LEU A 62 11.46 6.10 4.95
N GLY A 63 10.46 6.93 5.21
CA GLY A 63 10.68 8.13 6.00
C GLY A 63 10.85 7.80 7.47
N TYR A 64 10.20 6.72 7.89
CA TYR A 64 10.29 6.29 9.27
C TYR A 64 11.72 5.94 9.66
N GLY A 65 11.99 6.07 10.95
CA GLY A 65 13.33 5.77 11.46
C GLY A 65 13.28 5.50 12.97
N LEU A 66 14.41 5.76 13.62
CA LEU A 66 14.51 5.55 15.05
C LEU A 66 13.81 6.70 15.78
N THR A 67 14.24 7.91 15.47
CA THR A 67 13.67 9.09 16.09
C THR A 67 12.50 9.63 15.24
N MET A 68 12.66 9.50 13.93
CA MET A 68 11.65 9.96 13.00
C MET A 68 10.46 9.00 12.97
N VAL A 69 9.32 9.50 13.38
CA VAL A 69 8.10 8.70 13.39
C VAL A 69 6.93 9.54 12.85
N PRO A 70 6.81 9.53 11.49
CA PRO A 70 5.75 10.27 10.84
C PRO A 70 4.40 9.57 11.01
N ALA A 2 -5.45 3.10 17.59
CA ALA A 2 -4.80 4.11 16.80
C ALA A 2 -3.28 3.97 16.94
N GLN A 3 -2.84 2.73 17.01
CA GLN A 3 -1.43 2.44 17.15
C GLN A 3 -0.81 3.31 18.26
N ILE A 4 -1.62 3.57 19.28
CA ILE A 4 -1.17 4.38 20.39
C ILE A 4 0.09 3.76 21.01
N THR A 5 1.21 4.42 20.79
CA THR A 5 2.47 3.95 21.31
C THR A 5 2.66 2.46 20.98
N GLY A 6 2.40 2.13 19.72
CA GLY A 6 2.54 0.76 19.26
C GLY A 6 4.01 0.38 19.08
N ARG A 7 4.42 -0.67 19.77
CA ARG A 7 5.79 -1.14 19.68
C ARG A 7 6.07 -1.67 18.27
N PRO A 8 5.11 -2.47 17.76
CA PRO A 8 5.25 -3.05 16.43
C PRO A 8 4.38 -2.32 15.42
N GLU A 9 4.27 -1.01 15.61
CA GLU A 9 3.47 -0.18 14.72
C GLU A 9 4.11 -0.14 13.33
N TRP A 10 5.44 -0.23 13.32
CA TRP A 10 6.18 -0.20 12.07
C TRP A 10 5.92 -1.51 11.33
N ILE A 11 5.78 -2.58 12.11
CA ILE A 11 5.53 -3.90 11.54
C ILE A 11 4.11 -3.94 10.98
N TRP A 12 3.20 -3.29 11.71
CA TRP A 12 1.81 -3.25 11.29
C TRP A 12 1.72 -2.45 9.99
N LEU A 13 2.55 -1.42 9.90
CA LEU A 13 2.57 -0.58 8.73
C LEU A 13 3.11 -1.39 7.54
N ALA A 14 4.15 -2.16 7.81
CA ALA A 14 4.77 -2.97 6.78
C ALA A 14 3.74 -3.97 6.25
N LEU A 15 2.98 -4.54 7.17
CA LEU A 15 1.96 -5.50 6.81
C LEU A 15 0.87 -4.81 5.99
N GLY A 16 0.57 -3.58 6.39
CA GLY A 16 -0.44 -2.79 5.70
C GLY A 16 -0.02 -2.49 4.26
N THR A 17 1.26 -2.16 4.11
CA THR A 17 1.80 -1.84 2.79
C THR A 17 1.82 -3.09 1.92
N ALA A 18 2.13 -4.21 2.55
CA ALA A 18 2.19 -5.48 1.83
C ALA A 18 0.78 -5.87 1.37
N LEU A 19 -0.17 -5.69 2.26
CA LEU A 19 -1.55 -6.02 1.95
C LEU A 19 -2.03 -5.14 0.79
N MET A 20 -1.69 -3.86 0.89
CA MET A 20 -2.08 -2.91 -0.14
C MET A 20 -1.44 -3.27 -1.49
N GLY A 21 -0.19 -3.68 -1.42
CA GLY A 21 0.55 -4.05 -2.62
C GLY A 21 -0.11 -5.23 -3.32
N LEU A 22 -0.40 -6.27 -2.54
CA LEU A 22 -1.04 -7.46 -3.07
C LEU A 22 -2.43 -7.10 -3.59
N GLY A 23 -3.07 -6.17 -2.89
CA GLY A 23 -4.40 -5.74 -3.27
C GLY A 23 -4.38 -5.04 -4.62
N THR A 24 -3.34 -4.25 -4.84
CA THR A 24 -3.19 -3.51 -6.08
C THR A 24 -2.89 -4.48 -7.23
N LEU A 25 -2.03 -5.44 -6.95
CA LEU A 25 -1.67 -6.43 -7.95
C LEU A 25 -2.90 -7.24 -8.35
N TYR A 26 -3.65 -7.66 -7.34
CA TYR A 26 -4.85 -8.44 -7.57
C TYR A 26 -5.87 -7.63 -8.40
N PHE A 27 -6.02 -6.37 -8.04
CA PHE A 27 -6.94 -5.50 -8.74
C PHE A 27 -6.50 -5.29 -10.19
N LEU A 28 -5.19 -5.27 -10.38
CA LEU A 28 -4.63 -5.08 -11.71
C LEU A 28 -4.96 -6.29 -12.59
N VAL A 29 -4.89 -7.46 -11.97
CA VAL A 29 -5.18 -8.69 -12.67
C VAL A 29 -6.65 -8.69 -13.13
N LYS A 30 -7.50 -8.19 -12.25
CA LYS A 30 -8.92 -8.12 -12.55
C LYS A 30 -9.14 -7.18 -13.73
N GLY A 31 -8.45 -6.05 -13.70
CA GLY A 31 -8.57 -5.06 -14.75
C GLY A 31 -8.10 -5.64 -16.09
N MET A 32 -7.01 -6.38 -16.04
CA MET A 32 -6.45 -7.00 -17.23
C MET A 32 -7.28 -8.20 -17.66
N GLY A 33 -8.00 -8.76 -16.70
CA GLY A 33 -8.84 -9.92 -16.96
C GLY A 33 -8.04 -11.22 -16.80
N VAL A 34 -7.12 -11.44 -17.72
CA VAL A 34 -6.30 -12.63 -17.69
C VAL A 34 -7.19 -13.87 -17.68
N PRO A 37 -17.56 8.95 -20.70
CA PRO A 37 -18.00 8.09 -19.62
C PRO A 37 -16.92 7.99 -18.53
N ASP A 38 -15.67 8.12 -18.97
CA ASP A 38 -14.55 8.05 -18.05
C ASP A 38 -14.65 6.77 -17.22
N ALA A 39 -15.07 5.70 -17.88
CA ALA A 39 -15.22 4.41 -17.22
C ALA A 39 -13.85 3.76 -17.06
N LYS A 40 -13.07 3.84 -18.13
CA LYS A 40 -11.73 3.27 -18.12
C LYS A 40 -10.85 4.07 -17.17
N LYS A 41 -11.16 5.36 -17.05
CA LYS A 41 -10.40 6.23 -16.18
C LYS A 41 -10.71 5.90 -14.73
N PHE A 42 -11.99 5.77 -14.43
CA PHE A 42 -12.42 5.44 -13.09
C PHE A 42 -11.90 4.09 -12.65
N TYR A 43 -11.89 3.15 -13.60
CA TYR A 43 -11.41 1.81 -13.33
C TYR A 43 -9.91 1.81 -13.05
N ALA A 44 -9.19 2.56 -13.86
CA ALA A 44 -7.75 2.66 -13.72
C ALA A 44 -7.42 3.24 -12.34
N ILE A 45 -8.15 4.29 -11.99
CA ILE A 45 -7.94 4.94 -10.71
C ILE A 45 -8.23 3.96 -9.58
N THR A 46 -9.29 3.18 -9.78
CA THR A 46 -9.70 2.19 -8.78
C THR A 46 -8.65 1.08 -8.69
N THR A 47 -7.92 0.90 -9.78
CA THR A 47 -6.88 -0.11 -9.83
C THR A 47 -5.55 0.44 -9.32
N LEU A 48 -5.51 1.77 -9.22
CA LEU A 48 -4.31 2.44 -8.74
C LEU A 48 -4.51 2.87 -7.29
N VAL A 49 -5.68 2.54 -6.77
CA VAL A 49 -6.01 2.88 -5.39
C VAL A 49 -5.01 2.23 -4.44
N PRO A 50 -4.80 0.89 -4.66
CA PRO A 50 -3.88 0.14 -3.85
C PRO A 50 -2.44 0.45 -4.20
N ALA A 51 -2.26 0.98 -5.41
CA ALA A 51 -0.94 1.33 -5.90
C ALA A 51 -0.44 2.57 -5.15
N ILE A 52 -1.33 3.54 -5.01
CA ILE A 52 -0.99 4.77 -4.31
C ILE A 52 -0.90 4.49 -2.81
N ALA A 53 -1.77 3.62 -2.35
CA ALA A 53 -1.81 3.26 -0.94
C ALA A 53 -0.49 2.58 -0.56
N PHE A 54 -0.05 1.68 -1.44
CA PHE A 54 1.18 0.96 -1.20
C PHE A 54 2.39 1.90 -1.27
N THR A 55 2.36 2.80 -2.25
CA THR A 55 3.43 3.75 -2.43
C THR A 55 3.55 4.65 -1.20
N MET A 56 2.39 5.06 -0.69
CA MET A 56 2.36 5.93 0.49
C MET A 56 2.92 5.21 1.71
N TYR A 57 2.44 4.00 1.92
CA TYR A 57 2.88 3.20 3.04
C TYR A 57 4.37 2.87 2.95
N LEU A 58 4.83 2.72 1.70
CA LEU A 58 6.22 2.41 1.46
C LEU A 58 7.08 3.61 1.83
N SER A 59 6.60 4.80 1.46
CA SER A 59 7.31 6.03 1.75
C SER A 59 7.37 6.25 3.27
N MET A 60 6.30 5.84 3.93
CA MET A 60 6.22 5.98 5.38
C MET A 60 7.21 5.06 6.08
N LEU A 61 7.17 3.79 5.70
CA LEU A 61 8.06 2.80 6.28
C LEU A 61 9.51 3.18 5.98
N LEU A 62 9.71 3.75 4.80
CA LEU A 62 11.04 4.16 4.39
C LEU A 62 11.49 5.34 5.26
N GLY A 63 10.56 6.24 5.52
CA GLY A 63 10.85 7.41 6.33
C GLY A 63 11.26 7.00 7.75
N TYR A 64 10.43 6.15 8.35
CA TYR A 64 10.68 5.69 9.69
C TYR A 64 11.83 4.66 9.71
N GLY A 65 12.49 4.58 10.86
CA GLY A 65 13.60 3.65 11.01
C GLY A 65 13.28 2.59 12.08
N LEU A 66 13.30 3.04 13.32
CA LEU A 66 13.02 2.15 14.44
C LEU A 66 11.82 2.69 15.23
N THR A 67 11.01 3.47 14.54
CA THR A 67 9.83 4.05 15.15
C THR A 67 8.59 3.21 14.83
N MET A 68 8.43 2.89 13.56
CA MET A 68 7.31 2.09 13.11
C MET A 68 7.63 0.60 13.21
N VAL A 69 8.90 0.29 13.04
CA VAL A 69 9.34 -1.09 13.11
C VAL A 69 10.63 -1.17 13.93
N PRO A 70 10.48 -1.10 15.28
CA PRO A 70 11.62 -1.17 16.17
C PRO A 70 12.16 -2.59 16.27
N ALA A 2 13.87 1.30 11.10
CA ALA A 2 12.58 0.71 11.44
C ALA A 2 12.34 0.87 12.94
N GLN A 3 11.98 2.09 13.32
CA GLN A 3 11.72 2.38 14.72
C GLN A 3 10.28 2.01 15.09
N ILE A 4 10.09 0.73 15.37
CA ILE A 4 8.78 0.23 15.74
C ILE A 4 8.25 1.03 16.93
N THR A 5 9.17 1.62 17.67
CA THR A 5 8.81 2.41 18.83
C THR A 5 7.99 1.58 19.81
N GLY A 6 8.62 0.54 20.32
CA GLY A 6 7.96 -0.35 21.27
C GLY A 6 6.96 -1.26 20.56
N ARG A 7 5.75 -0.74 20.40
CA ARG A 7 4.69 -1.49 19.75
C ARG A 7 5.07 -1.75 18.28
N PRO A 8 4.36 -2.74 17.68
CA PRO A 8 4.60 -3.10 16.29
C PRO A 8 3.85 -2.17 15.35
N GLU A 9 4.28 -0.91 15.34
CA GLU A 9 3.66 0.08 14.50
C GLU A 9 4.26 0.04 13.09
N TRP A 10 5.58 0.00 13.05
CA TRP A 10 6.29 -0.05 11.79
C TRP A 10 6.04 -1.42 11.15
N ILE A 11 5.82 -2.40 12.01
CA ILE A 11 5.55 -3.75 11.55
C ILE A 11 4.13 -3.83 10.97
N TRP A 12 3.20 -3.21 11.69
CA TRP A 12 1.82 -3.20 11.26
C TRP A 12 1.73 -2.40 9.96
N LEU A 13 2.58 -1.38 9.87
CA LEU A 13 2.61 -0.55 8.68
C LEU A 13 3.14 -1.36 7.50
N ALA A 14 4.18 -2.13 7.77
CA ALA A 14 4.79 -2.96 6.73
C ALA A 14 3.75 -3.97 6.23
N LEU A 15 3.02 -4.53 7.16
CA LEU A 15 2.00 -5.51 6.82
C LEU A 15 0.90 -4.83 6.00
N GLY A 16 0.56 -3.62 6.42
CA GLY A 16 -0.47 -2.85 5.73
C GLY A 16 -0.06 -2.56 4.28
N THR A 17 1.21 -2.23 4.12
CA THR A 17 1.73 -1.92 2.80
C THR A 17 1.78 -3.18 1.94
N ALA A 18 2.06 -4.30 2.59
CA ALA A 18 2.13 -5.57 1.90
C ALA A 18 0.74 -5.96 1.39
N LEU A 19 -0.24 -5.79 2.27
CA LEU A 19 -1.62 -6.11 1.93
C LEU A 19 -2.08 -5.21 0.78
N MET A 20 -1.70 -3.93 0.88
CA MET A 20 -2.07 -2.97 -0.13
C MET A 20 -1.44 -3.31 -1.47
N GLY A 21 -0.18 -3.75 -1.41
CA GLY A 21 0.54 -4.11 -2.62
C GLY A 21 -0.14 -5.29 -3.33
N LEU A 22 -0.40 -6.33 -2.57
CA LEU A 22 -1.05 -7.51 -3.10
C LEU A 22 -2.44 -7.15 -3.61
N GLY A 23 -3.06 -6.21 -2.91
CA GLY A 23 -4.40 -5.76 -3.28
C GLY A 23 -4.38 -5.05 -4.64
N THR A 24 -3.33 -4.26 -4.84
CA THR A 24 -3.19 -3.52 -6.08
C THR A 24 -2.90 -4.48 -7.24
N LEU A 25 -2.05 -5.45 -6.96
CA LEU A 25 -1.69 -6.44 -7.96
C LEU A 25 -2.93 -7.24 -8.37
N TYR A 26 -3.70 -7.63 -7.35
CA TYR A 26 -4.91 -8.40 -7.59
C TYR A 26 -5.93 -7.59 -8.39
N PHE A 27 -6.02 -6.31 -8.04
CA PHE A 27 -6.96 -5.43 -8.72
C PHE A 27 -6.51 -5.17 -10.16
N LEU A 28 -5.20 -5.22 -10.36
CA LEU A 28 -4.64 -5.00 -11.68
C LEU A 28 -4.93 -6.22 -12.57
N VAL A 29 -4.74 -7.39 -11.99
CA VAL A 29 -4.97 -8.62 -12.71
C VAL A 29 -6.46 -8.74 -13.05
N LYS A 30 -7.28 -8.45 -12.05
CA LYS A 30 -8.72 -8.53 -12.22
C LYS A 30 -9.16 -7.45 -13.21
N GLY A 31 -8.50 -6.30 -13.13
CA GLY A 31 -8.81 -5.19 -14.01
C GLY A 31 -8.50 -5.54 -15.47
N MET A 32 -7.39 -6.23 -15.65
CA MET A 32 -6.96 -6.63 -16.98
C MET A 32 -7.87 -7.74 -17.53
N GLY A 33 -8.24 -8.65 -16.64
CA GLY A 33 -9.10 -9.76 -17.02
C GLY A 33 -9.70 -10.44 -15.79
N VAL A 34 -11.00 -10.62 -15.83
CA VAL A 34 -11.72 -11.25 -14.74
C VAL A 34 -11.25 -12.70 -14.59
N PRO A 37 -17.00 9.35 -20.78
CA PRO A 37 -15.68 9.95 -20.59
C PRO A 37 -14.78 9.03 -19.76
N ASP A 38 -15.35 8.53 -18.66
CA ASP A 38 -14.61 7.65 -17.77
C ASP A 38 -14.74 6.21 -18.27
N ALA A 39 -14.10 5.96 -19.41
CA ALA A 39 -14.14 4.63 -20.00
C ALA A 39 -13.06 3.77 -19.34
N LYS A 40 -11.94 4.40 -19.02
CA LYS A 40 -10.83 3.71 -18.40
C LYS A 40 -10.07 4.67 -17.50
N LYS A 41 -10.82 5.61 -16.92
CA LYS A 41 -10.22 6.59 -16.04
C LYS A 41 -10.50 6.22 -14.58
N PHE A 42 -11.78 6.17 -14.26
CA PHE A 42 -12.20 5.82 -12.91
C PHE A 42 -11.76 4.39 -12.55
N TYR A 43 -11.81 3.53 -13.55
CA TYR A 43 -11.42 2.13 -13.36
C TYR A 43 -9.92 2.02 -13.08
N ALA A 44 -9.15 2.79 -13.83
CA ALA A 44 -7.70 2.79 -13.68
C ALA A 44 -7.34 3.30 -12.28
N ILE A 45 -8.01 4.37 -11.89
CA ILE A 45 -7.77 4.97 -10.59
C ILE A 45 -8.13 3.95 -9.49
N THR A 46 -9.23 3.26 -9.72
CA THR A 46 -9.69 2.26 -8.77
C THR A 46 -8.70 1.10 -8.69
N THR A 47 -7.99 0.90 -9.79
CA THR A 47 -7.00 -0.17 -9.86
C THR A 47 -5.66 0.31 -9.32
N LEU A 48 -5.53 1.63 -9.20
CA LEU A 48 -4.31 2.22 -8.70
C LEU A 48 -4.51 2.67 -7.26
N VAL A 49 -5.68 2.33 -6.72
CA VAL A 49 -6.02 2.69 -5.36
C VAL A 49 -5.02 2.03 -4.41
N PRO A 50 -4.82 0.70 -4.62
CA PRO A 50 -3.89 -0.05 -3.78
C PRO A 50 -2.44 0.26 -4.15
N ALA A 51 -2.27 0.73 -5.37
CA ALA A 51 -0.93 1.06 -5.86
C ALA A 51 -0.45 2.33 -5.15
N ILE A 52 -1.35 3.28 -5.02
CA ILE A 52 -1.03 4.54 -4.37
C ILE A 52 -0.90 4.31 -2.86
N ALA A 53 -1.77 3.45 -2.36
CA ALA A 53 -1.77 3.13 -0.94
C ALA A 53 -0.44 2.47 -0.57
N PHE A 54 0.02 1.59 -1.44
CA PHE A 54 1.27 0.88 -1.22
C PHE A 54 2.46 1.85 -1.28
N THR A 55 2.43 2.72 -2.29
CA THR A 55 3.49 3.69 -2.46
C THR A 55 3.56 4.63 -1.26
N MET A 56 2.38 5.01 -0.77
CA MET A 56 2.30 5.90 0.37
C MET A 56 2.88 5.23 1.63
N TYR A 57 2.45 4.00 1.86
CA TYR A 57 2.91 3.26 3.01
C TYR A 57 4.40 2.97 2.92
N LEU A 58 4.86 2.78 1.69
CA LEU A 58 6.27 2.50 1.44
C LEU A 58 7.10 3.73 1.83
N SER A 59 6.60 4.90 1.41
CA SER A 59 7.28 6.15 1.69
C SER A 59 7.23 6.44 3.19
N MET A 60 6.17 5.97 3.82
CA MET A 60 5.98 6.18 5.24
C MET A 60 6.97 5.34 6.05
N LEU A 61 7.04 4.07 5.70
CA LEU A 61 7.94 3.15 6.39
C LEU A 61 9.39 3.56 6.11
N LEU A 62 9.60 4.07 4.90
CA LEU A 62 10.93 4.50 4.50
C LEU A 62 11.29 5.79 5.24
N GLY A 63 10.27 6.62 5.44
CA GLY A 63 10.46 7.88 6.14
C GLY A 63 11.00 7.66 7.55
N TYR A 64 10.23 6.91 8.32
CA TYR A 64 10.62 6.62 9.70
C TYR A 64 11.81 5.68 9.74
N GLY A 65 11.83 4.74 8.79
CA GLY A 65 12.91 3.77 8.71
C GLY A 65 12.36 2.35 8.82
N LEU A 66 12.82 1.50 7.89
CA LEU A 66 12.40 0.12 7.87
C LEU A 66 13.00 -0.61 9.08
N THR A 67 14.17 -0.15 9.48
CA THR A 67 14.86 -0.76 10.61
C THR A 67 14.39 -0.11 11.92
N MET A 68 14.00 1.15 11.81
CA MET A 68 13.54 1.89 12.97
C MET A 68 12.22 1.31 13.51
N VAL A 69 11.30 1.07 12.58
CA VAL A 69 10.01 0.52 12.96
C VAL A 69 9.65 -0.61 11.98
N PRO A 70 8.87 -1.60 12.51
CA PRO A 70 8.46 -2.73 11.70
C PRO A 70 7.35 -2.34 10.72
N ALA A 2 -0.95 2.18 17.84
CA ALA A 2 -0.91 1.23 18.94
C ALA A 2 -0.45 1.96 20.21
N GLN A 3 -1.33 2.80 20.72
CA GLN A 3 -1.04 3.56 21.92
C GLN A 3 -0.89 2.62 23.11
N ILE A 4 -1.41 1.42 22.96
CA ILE A 4 -1.34 0.42 24.01
C ILE A 4 -0.05 -0.38 23.85
N THR A 5 0.81 0.10 22.95
CA THR A 5 2.07 -0.57 22.71
C THR A 5 1.92 -2.09 22.79
N GLY A 6 0.97 -2.60 22.01
CA GLY A 6 0.71 -4.02 22.00
C GLY A 6 1.37 -4.69 20.79
N ARG A 7 1.75 -3.87 19.83
CA ARG A 7 2.38 -4.37 18.62
C ARG A 7 3.16 -3.25 17.93
N PRO A 8 4.24 -3.65 17.20
CA PRO A 8 5.06 -2.68 16.50
C PRO A 8 4.30 -2.08 15.31
N GLU A 9 4.16 -0.76 15.34
CA GLU A 9 3.47 -0.07 14.27
C GLU A 9 4.29 -0.11 12.99
N TRP A 10 5.56 -0.41 13.14
CA TRP A 10 6.47 -0.49 12.00
C TRP A 10 6.10 -1.75 11.21
N ILE A 11 5.88 -2.83 11.94
CA ILE A 11 5.52 -4.09 11.31
C ILE A 11 4.07 -4.03 10.82
N TRP A 12 3.27 -3.27 11.55
CA TRP A 12 1.86 -3.12 11.21
C TRP A 12 1.78 -2.31 9.91
N LEU A 13 2.69 -1.36 9.80
CA LEU A 13 2.73 -0.50 8.62
C LEU A 13 3.22 -1.33 7.42
N ALA A 14 4.21 -2.16 7.68
CA ALA A 14 4.78 -2.99 6.63
C ALA A 14 3.72 -4.01 6.18
N LEU A 15 2.94 -4.46 7.15
CA LEU A 15 1.89 -5.44 6.86
C LEU A 15 0.81 -4.78 6.02
N GLY A 16 0.45 -3.57 6.42
CA GLY A 16 -0.57 -2.82 5.70
C GLY A 16 -0.12 -2.47 4.29
N THR A 17 1.17 -2.21 4.16
CA THR A 17 1.74 -1.86 2.87
C THR A 17 1.77 -3.09 1.95
N ALA A 18 2.11 -4.22 2.55
CA ALA A 18 2.18 -5.47 1.81
C ALA A 18 0.76 -5.87 1.36
N LEU A 19 -0.18 -5.68 2.25
CA LEU A 19 -1.56 -6.01 1.97
C LEU A 19 -2.06 -5.14 0.82
N MET A 20 -1.74 -3.85 0.90
CA MET A 20 -2.14 -2.91 -0.12
C MET A 20 -1.51 -3.26 -1.48
N GLY A 21 -0.26 -3.70 -1.40
CA GLY A 21 0.47 -4.07 -2.60
C GLY A 21 -0.17 -5.28 -3.29
N LEU A 22 -0.46 -6.28 -2.48
CA LEU A 22 -1.08 -7.50 -2.98
C LEU A 22 -2.45 -7.18 -3.53
N GLY A 23 -3.15 -6.28 -2.85
CA GLY A 23 -4.47 -5.87 -3.25
C GLY A 23 -4.44 -5.12 -4.59
N THR A 24 -3.38 -4.35 -4.77
CA THR A 24 -3.21 -3.58 -5.99
C THR A 24 -2.89 -4.51 -7.17
N LEU A 25 -2.05 -5.50 -6.89
CA LEU A 25 -1.66 -6.46 -7.90
C LEU A 25 -2.89 -7.27 -8.33
N TYR A 26 -3.67 -7.68 -7.34
CA TYR A 26 -4.86 -8.46 -7.60
C TYR A 26 -5.88 -7.65 -8.40
N PHE A 27 -6.01 -6.38 -8.04
CA PHE A 27 -6.93 -5.50 -8.71
C PHE A 27 -6.48 -5.22 -10.15
N LEU A 28 -5.17 -5.19 -10.33
CA LEU A 28 -4.59 -4.94 -11.64
C LEU A 28 -4.86 -6.13 -12.54
N VAL A 29 -4.66 -7.32 -11.98
CA VAL A 29 -4.88 -8.54 -12.73
C VAL A 29 -6.37 -8.71 -13.03
N LYS A 30 -7.18 -8.31 -12.05
CA LYS A 30 -8.62 -8.40 -12.20
C LYS A 30 -9.08 -7.45 -13.30
N GLY A 31 -8.53 -6.25 -13.28
CA GLY A 31 -8.88 -5.24 -14.28
C GLY A 31 -8.41 -5.68 -15.67
N MET A 32 -7.23 -6.29 -15.70
CA MET A 32 -6.67 -6.75 -16.96
C MET A 32 -7.46 -7.93 -17.52
N GLY A 33 -7.98 -8.74 -16.62
CA GLY A 33 -8.76 -9.90 -17.01
C GLY A 33 -7.95 -11.18 -16.88
N VAL A 34 -7.56 -11.48 -15.64
CA VAL A 34 -6.77 -12.67 -15.37
C VAL A 34 -5.39 -12.52 -16.00
N PRO A 37 -16.27 8.32 -20.88
CA PRO A 37 -15.09 9.18 -20.89
C PRO A 37 -14.24 8.96 -19.63
N ASP A 38 -14.88 9.17 -18.49
CA ASP A 38 -14.20 9.00 -17.21
C ASP A 38 -14.64 7.69 -16.57
N ALA A 39 -15.53 6.99 -17.28
CA ALA A 39 -16.04 5.72 -16.80
C ALA A 39 -14.98 4.64 -17.01
N LYS A 40 -14.16 4.85 -18.02
CA LYS A 40 -13.10 3.91 -18.34
C LYS A 40 -11.87 4.21 -17.49
N LYS A 41 -11.80 5.45 -17.02
CA LYS A 41 -10.69 5.88 -16.19
C LYS A 41 -10.97 5.50 -14.74
N PHE A 42 -12.25 5.40 -14.42
CA PHE A 42 -12.67 5.05 -13.08
C PHE A 42 -12.04 3.72 -12.64
N TYR A 43 -11.99 2.79 -13.58
CA TYR A 43 -11.42 1.48 -13.31
C TYR A 43 -9.92 1.57 -13.04
N ALA A 44 -9.26 2.41 -13.82
CA ALA A 44 -7.82 2.61 -13.68
C ALA A 44 -7.53 3.26 -12.32
N ILE A 45 -8.43 4.17 -11.94
CA ILE A 45 -8.28 4.86 -10.67
C ILE A 45 -8.39 3.85 -9.52
N THR A 46 -9.37 2.97 -9.64
CA THR A 46 -9.59 1.96 -8.62
C THR A 46 -8.44 0.94 -8.62
N THR A 47 -7.72 0.92 -9.73
CA THR A 47 -6.59 0.02 -9.87
C THR A 47 -5.30 0.68 -9.37
N LEU A 48 -5.34 2.00 -9.32
CA LEU A 48 -4.19 2.77 -8.86
C LEU A 48 -4.42 3.22 -7.42
N VAL A 49 -5.59 2.88 -6.90
CA VAL A 49 -5.95 3.25 -5.55
C VAL A 49 -5.01 2.54 -4.57
N PRO A 50 -4.86 1.20 -4.78
CA PRO A 50 -4.00 0.40 -3.93
C PRO A 50 -2.53 0.64 -4.26
N ALA A 51 -2.30 1.17 -5.45
CA ALA A 51 -0.94 1.46 -5.89
C ALA A 51 -0.42 2.69 -5.16
N ILE A 52 -1.28 3.69 -5.04
CA ILE A 52 -0.91 4.92 -4.37
C ILE A 52 -0.84 4.66 -2.86
N ALA A 53 -1.76 3.83 -2.38
CA ALA A 53 -1.81 3.50 -0.97
C ALA A 53 -0.52 2.77 -0.58
N PHE A 54 -0.12 1.85 -1.45
CA PHE A 54 1.09 1.07 -1.21
C PHE A 54 2.33 1.96 -1.28
N THR A 55 2.30 2.91 -2.21
CA THR A 55 3.41 3.82 -2.39
C THR A 55 3.60 4.68 -1.14
N MET A 56 2.48 5.17 -0.63
CA MET A 56 2.49 6.01 0.56
C MET A 56 2.98 5.23 1.78
N TYR A 57 2.44 4.02 1.91
CA TYR A 57 2.81 3.16 3.03
C TYR A 57 4.28 2.78 2.96
N LEU A 58 4.76 2.56 1.74
CA LEU A 58 6.15 2.19 1.54
C LEU A 58 7.04 3.38 1.91
N SER A 59 6.61 4.56 1.50
CA SER A 59 7.36 5.77 1.78
C SER A 59 7.47 5.98 3.28
N MET A 60 6.37 5.72 3.97
CA MET A 60 6.31 5.88 5.41
C MET A 60 7.21 4.85 6.11
N LEU A 61 7.15 3.63 5.61
CA LEU A 61 7.94 2.54 6.16
C LEU A 61 9.43 2.90 6.06
N LEU A 62 9.81 3.35 4.87
CA LEU A 62 11.20 3.73 4.63
C LEU A 62 11.56 4.93 5.50
N GLY A 63 10.58 5.81 5.66
CA GLY A 63 10.79 7.00 6.48
C GLY A 63 11.18 6.63 7.90
N TYR A 64 10.47 5.67 8.46
CA TYR A 64 10.76 5.21 9.81
C TYR A 64 11.99 4.33 9.85
N GLY A 65 12.56 4.20 11.04
CA GLY A 65 13.76 3.40 11.22
C GLY A 65 14.36 3.63 12.61
N LEU A 66 14.60 4.89 12.92
CA LEU A 66 15.17 5.25 14.21
C LEU A 66 14.05 5.35 15.25
N THR A 67 12.97 5.99 14.84
CA THR A 67 11.82 6.16 15.72
C THR A 67 11.25 4.80 16.12
N MET A 68 10.55 4.81 17.24
CA MET A 68 9.94 3.58 17.74
C MET A 68 8.77 3.15 16.85
N VAL A 69 8.22 4.12 16.13
CA VAL A 69 7.11 3.84 15.24
C VAL A 69 7.57 2.95 14.10
N PRO A 70 6.99 1.72 14.05
CA PRO A 70 7.35 0.76 13.02
C PRO A 70 6.73 1.15 11.67
N ALA A 2 4.66 5.00 26.32
CA ALA A 2 4.41 3.57 26.22
C ALA A 2 3.23 3.32 25.28
N GLN A 3 2.40 4.34 25.16
CA GLN A 3 1.22 4.25 24.30
C GLN A 3 1.52 4.88 22.94
N ILE A 4 2.24 4.13 22.12
CA ILE A 4 2.60 4.60 20.79
C ILE A 4 1.76 3.85 19.75
N THR A 5 0.46 3.90 19.93
CA THR A 5 -0.45 3.23 19.02
C THR A 5 0.14 1.90 18.56
N GLY A 6 0.53 1.10 19.54
CA GLY A 6 1.12 -0.20 19.25
C GLY A 6 2.64 -0.11 19.19
N ARG A 7 3.28 -1.03 19.91
CA ARG A 7 4.73 -1.07 19.95
C ARG A 7 5.29 -1.39 18.56
N PRO A 8 4.68 -2.44 17.92
CA PRO A 8 5.11 -2.85 16.60
C PRO A 8 4.23 -2.22 15.51
N GLU A 9 4.10 -0.90 15.61
CA GLU A 9 3.30 -0.16 14.64
C GLU A 9 4.00 -0.11 13.29
N TRP A 10 5.34 -0.17 13.34
CA TRP A 10 6.13 -0.14 12.13
C TRP A 10 5.89 -1.45 11.37
N ILE A 11 5.73 -2.52 12.13
CA ILE A 11 5.50 -3.83 11.55
C ILE A 11 4.09 -3.88 10.96
N TRP A 12 3.16 -3.26 11.68
CA TRP A 12 1.77 -3.23 11.25
C TRP A 12 1.71 -2.43 9.94
N LEU A 13 2.58 -1.43 9.85
CA LEU A 13 2.63 -0.58 8.67
C LEU A 13 3.18 -1.39 7.50
N ALA A 14 4.22 -2.16 7.78
CA ALA A 14 4.84 -2.99 6.76
C ALA A 14 3.81 -3.99 6.21
N LEU A 15 3.07 -4.57 7.15
CA LEU A 15 2.05 -5.54 6.77
C LEU A 15 0.93 -4.83 5.98
N GLY A 16 0.67 -3.60 6.39
CA GLY A 16 -0.36 -2.80 5.73
C GLY A 16 0.03 -2.50 4.28
N THR A 17 1.30 -2.17 4.10
CA THR A 17 1.81 -1.85 2.77
C THR A 17 1.82 -3.10 1.89
N ALA A 18 2.17 -4.22 2.52
CA ALA A 18 2.23 -5.49 1.81
C ALA A 18 0.82 -5.89 1.35
N LEU A 19 -0.12 -5.73 2.27
CA LEU A 19 -1.51 -6.06 1.97
C LEU A 19 -2.01 -5.18 0.84
N MET A 20 -1.70 -3.89 0.94
CA MET A 20 -2.12 -2.94 -0.07
C MET A 20 -1.52 -3.29 -1.44
N GLY A 21 -0.26 -3.70 -1.41
CA GLY A 21 0.43 -4.06 -2.63
C GLY A 21 -0.23 -5.27 -3.30
N LEU A 22 -0.54 -6.26 -2.49
CA LEU A 22 -1.17 -7.47 -2.98
C LEU A 22 -2.56 -7.11 -3.55
N GLY A 23 -3.20 -6.17 -2.88
CA GLY A 23 -4.53 -5.73 -3.30
C GLY A 23 -4.47 -5.03 -4.66
N THR A 24 -3.41 -4.25 -4.84
CA THR A 24 -3.22 -3.53 -6.08
C THR A 24 -2.93 -4.50 -7.23
N LEU A 25 -2.13 -5.51 -6.92
CA LEU A 25 -1.76 -6.50 -7.90
C LEU A 25 -3.00 -7.30 -8.30
N TYR A 26 -3.78 -7.67 -7.29
CA TYR A 26 -5.00 -8.43 -7.53
C TYR A 26 -5.99 -7.64 -8.39
N PHE A 27 -6.09 -6.36 -8.08
CA PHE A 27 -6.99 -5.48 -8.81
C PHE A 27 -6.48 -5.23 -10.22
N LEU A 28 -5.17 -5.24 -10.36
CA LEU A 28 -4.55 -5.01 -11.65
C LEU A 28 -4.81 -6.22 -12.56
N VAL A 29 -4.68 -7.40 -11.97
CA VAL A 29 -4.91 -8.63 -12.71
C VAL A 29 -6.36 -8.67 -13.19
N LYS A 30 -7.26 -8.24 -12.32
CA LYS A 30 -8.68 -8.23 -12.66
C LYS A 30 -8.93 -7.16 -13.72
N GLY A 31 -8.21 -6.04 -13.59
CA GLY A 31 -8.35 -4.95 -14.53
C GLY A 31 -7.92 -5.37 -15.93
N MET A 32 -6.85 -6.14 -15.98
CA MET A 32 -6.32 -6.63 -17.25
C MET A 32 -7.17 -7.78 -17.79
N GLY A 33 -7.71 -8.55 -16.86
CA GLY A 33 -8.54 -9.70 -17.23
C GLY A 33 -9.82 -9.24 -17.93
N VAL A 34 -10.51 -8.31 -17.29
CA VAL A 34 -11.74 -7.77 -17.85
C VAL A 34 -11.42 -6.81 -18.99
N PRO A 37 -16.01 8.31 -20.74
CA PRO A 37 -14.61 8.71 -20.72
C PRO A 37 -14.05 8.68 -19.30
N ASP A 38 -14.95 8.85 -18.34
CA ASP A 38 -14.56 8.84 -16.94
C ASP A 38 -14.89 7.47 -16.33
N ALA A 39 -15.74 6.74 -17.03
CA ALA A 39 -16.14 5.42 -16.57
C ALA A 39 -15.02 4.42 -16.86
N LYS A 40 -14.28 4.71 -17.92
CA LYS A 40 -13.18 3.86 -18.33
C LYS A 40 -11.95 4.17 -17.47
N LYS A 41 -11.94 5.38 -16.93
CA LYS A 41 -10.83 5.81 -16.09
C LYS A 41 -11.10 5.40 -14.64
N PHE A 42 -12.38 5.22 -14.35
CA PHE A 42 -12.79 4.84 -13.01
C PHE A 42 -12.12 3.54 -12.58
N TYR A 43 -11.93 2.66 -13.56
CA TYR A 43 -11.31 1.37 -13.31
C TYR A 43 -9.82 1.53 -13.04
N ALA A 44 -9.20 2.42 -13.81
CA ALA A 44 -7.77 2.67 -13.66
C ALA A 44 -7.52 3.36 -12.32
N ILE A 45 -8.48 4.18 -11.91
CA ILE A 45 -8.38 4.89 -10.65
C ILE A 45 -8.45 3.89 -9.50
N THR A 46 -9.40 2.99 -9.59
CA THR A 46 -9.59 1.98 -8.57
C THR A 46 -8.43 0.97 -8.60
N THR A 47 -7.70 0.99 -9.70
CA THR A 47 -6.57 0.09 -9.87
C THR A 47 -5.29 0.75 -9.38
N LEU A 48 -5.32 2.07 -9.32
CA LEU A 48 -4.16 2.84 -8.88
C LEU A 48 -4.39 3.30 -7.43
N VAL A 49 -5.57 2.97 -6.92
CA VAL A 49 -5.92 3.34 -5.56
C VAL A 49 -4.98 2.60 -4.58
N PRO A 50 -4.87 1.27 -4.79
CA PRO A 50 -4.02 0.45 -3.95
C PRO A 50 -2.55 0.66 -4.27
N ALA A 51 -2.31 1.18 -5.47
CA ALA A 51 -0.95 1.44 -5.91
C ALA A 51 -0.40 2.68 -5.19
N ILE A 52 -1.25 3.69 -5.09
CA ILE A 52 -0.86 4.92 -4.42
C ILE A 52 -0.80 4.68 -2.90
N ALA A 53 -1.73 3.87 -2.43
CA ALA A 53 -1.80 3.55 -1.01
C ALA A 53 -0.52 2.80 -0.61
N PHE A 54 -0.13 1.87 -1.47
CA PHE A 54 1.06 1.07 -1.21
C PHE A 54 2.32 1.94 -1.28
N THR A 55 2.31 2.86 -2.23
CA THR A 55 3.45 3.76 -2.40
C THR A 55 3.63 4.63 -1.17
N MET A 56 2.50 5.15 -0.67
CA MET A 56 2.54 6.00 0.50
C MET A 56 2.99 5.23 1.73
N TYR A 57 2.44 4.03 1.88
CA TYR A 57 2.78 3.18 3.01
C TYR A 57 4.25 2.78 2.97
N LEU A 58 4.74 2.54 1.75
CA LEU A 58 6.12 2.15 1.57
C LEU A 58 7.03 3.32 1.95
N SER A 59 6.63 4.51 1.53
CA SER A 59 7.40 5.70 1.82
C SER A 59 7.46 5.93 3.33
N MET A 60 6.33 5.69 3.99
CA MET A 60 6.25 5.87 5.42
C MET A 60 7.14 4.84 6.15
N LEU A 61 7.04 3.60 5.70
CA LEU A 61 7.83 2.54 6.30
C LEU A 61 9.32 2.85 6.14
N LEU A 62 9.66 3.33 4.96
CA LEU A 62 11.05 3.68 4.66
C LEU A 62 11.49 4.81 5.60
N GLY A 63 10.58 5.76 5.79
CA GLY A 63 10.86 6.90 6.65
C GLY A 63 11.20 6.44 8.07
N TYR A 64 10.37 5.54 8.58
CA TYR A 64 10.57 5.02 9.92
C TYR A 64 11.71 3.99 9.95
N GLY A 65 12.22 3.76 11.15
CA GLY A 65 13.30 2.81 11.34
C GLY A 65 12.81 1.38 11.17
N LEU A 66 12.16 0.88 12.21
CA LEU A 66 11.64 -0.48 12.19
C LEU A 66 10.25 -0.47 11.57
N THR A 67 9.32 0.15 12.28
CA THR A 67 7.94 0.24 11.80
C THR A 67 7.40 1.65 12.01
N MET A 68 7.45 2.10 13.27
CA MET A 68 6.97 3.42 13.61
C MET A 68 7.93 4.11 14.59
N VAL A 69 9.21 3.99 14.30
CA VAL A 69 10.22 4.60 15.14
C VAL A 69 11.13 5.49 14.29
N PRO A 70 10.75 6.79 14.20
CA PRO A 70 11.52 7.74 13.42
C PRO A 70 12.80 8.14 14.14
N ALA A 2 7.34 2.97 24.99
CA ALA A 2 7.24 4.03 24.01
C ALA A 2 5.91 4.77 24.19
N GLN A 3 5.41 4.73 25.41
CA GLN A 3 4.16 5.38 25.74
C GLN A 3 2.98 4.63 25.11
N ILE A 4 2.92 4.69 23.79
CA ILE A 4 1.86 4.01 23.06
C ILE A 4 2.31 2.60 22.70
N THR A 5 3.45 2.22 23.26
CA THR A 5 4.01 0.90 23.00
C THR A 5 3.71 0.46 21.56
N GLY A 6 4.27 1.21 20.62
CA GLY A 6 4.08 0.92 19.22
C GLY A 6 5.32 0.24 18.62
N ARG A 7 5.83 -0.73 19.36
CA ARG A 7 7.01 -1.46 18.91
C ARG A 7 6.71 -2.23 17.64
N PRO A 8 5.39 -2.50 17.43
CA PRO A 8 4.95 -3.22 16.25
C PRO A 8 4.14 -2.32 15.31
N GLU A 9 4.36 -1.02 15.46
CA GLU A 9 3.67 -0.05 14.64
C GLU A 9 4.22 -0.08 13.20
N TRP A 10 5.54 -0.13 13.12
CA TRP A 10 6.20 -0.15 11.83
C TRP A 10 5.90 -1.50 11.17
N ILE A 11 5.74 -2.51 12.01
CA ILE A 11 5.45 -3.85 11.52
C ILE A 11 4.03 -3.88 10.95
N TRP A 12 3.13 -3.21 11.65
CA TRP A 12 1.75 -3.15 11.23
C TRP A 12 1.69 -2.37 9.91
N LEU A 13 2.55 -1.37 9.81
CA LEU A 13 2.61 -0.54 8.62
C LEU A 13 3.14 -1.37 7.45
N ALA A 14 4.15 -2.18 7.76
CA ALA A 14 4.75 -3.03 6.75
C ALA A 14 3.72 -4.02 6.21
N LEU A 15 2.94 -4.56 7.14
CA LEU A 15 1.90 -5.51 6.78
C LEU A 15 0.82 -4.80 5.96
N GLY A 16 0.56 -3.56 6.34
CA GLY A 16 -0.44 -2.75 5.65
C GLY A 16 -0.02 -2.47 4.21
N THR A 17 1.26 -2.16 4.05
CA THR A 17 1.80 -1.87 2.74
C THR A 17 1.83 -3.13 1.87
N ALA A 18 2.12 -4.25 2.52
CA ALA A 18 2.18 -5.52 1.83
C ALA A 18 0.78 -5.91 1.35
N LEU A 19 -0.18 -5.70 2.24
CA LEU A 19 -1.57 -6.02 1.93
C LEU A 19 -2.04 -5.15 0.78
N MET A 20 -1.68 -3.87 0.85
CA MET A 20 -2.07 -2.93 -0.19
C MET A 20 -1.41 -3.28 -1.52
N GLY A 21 -0.18 -3.75 -1.43
CA GLY A 21 0.57 -4.13 -2.62
C GLY A 21 -0.09 -5.32 -3.32
N LEU A 22 -0.34 -6.36 -2.54
CA LEU A 22 -0.97 -7.56 -3.08
C LEU A 22 -2.37 -7.22 -3.58
N GLY A 23 -3.02 -6.31 -2.86
CA GLY A 23 -4.36 -5.90 -3.22
C GLY A 23 -4.37 -5.14 -4.55
N THR A 24 -3.32 -4.35 -4.76
CA THR A 24 -3.19 -3.59 -5.98
C THR A 24 -2.90 -4.50 -7.17
N LEU A 25 -2.07 -5.50 -6.90
CA LEU A 25 -1.70 -6.46 -7.94
C LEU A 25 -2.94 -7.28 -8.33
N TYR A 26 -3.67 -7.69 -7.31
CA TYR A 26 -4.87 -8.47 -7.53
C TYR A 26 -5.92 -7.68 -8.33
N PHE A 27 -6.05 -6.42 -7.98
CA PHE A 27 -7.00 -5.55 -8.64
C PHE A 27 -6.54 -5.23 -10.07
N LEU A 28 -5.23 -5.19 -10.24
CA LEU A 28 -4.64 -4.91 -11.54
C LEU A 28 -4.92 -6.08 -12.48
N VAL A 29 -4.79 -7.27 -11.93
CA VAL A 29 -5.01 -8.48 -12.72
C VAL A 29 -6.49 -8.54 -13.13
N LYS A 30 -7.35 -8.17 -12.20
CA LYS A 30 -8.78 -8.19 -12.46
C LYS A 30 -9.11 -7.13 -13.51
N GLY A 31 -8.43 -5.99 -13.40
CA GLY A 31 -8.64 -4.90 -14.33
C GLY A 31 -8.16 -5.27 -15.73
N MET A 32 -7.07 -6.01 -15.77
CA MET A 32 -6.48 -6.45 -17.03
C MET A 32 -7.36 -7.51 -17.70
N GLY A 33 -7.85 -8.43 -16.87
CA GLY A 33 -8.70 -9.50 -17.37
C GLY A 33 -10.17 -9.24 -17.02
N VAL A 34 -10.59 -8.01 -17.25
CA VAL A 34 -11.97 -7.63 -16.95
C VAL A 34 -12.89 -8.22 -18.02
N PRO A 37 -10.78 8.29 -21.41
CA PRO A 37 -11.75 9.37 -21.53
C PRO A 37 -12.24 9.81 -20.15
N ASP A 38 -12.70 8.84 -19.38
CA ASP A 38 -13.18 9.12 -18.03
C ASP A 38 -13.48 7.80 -17.32
N ALA A 39 -14.16 6.91 -18.03
CA ALA A 39 -14.51 5.62 -17.48
C ALA A 39 -13.24 4.82 -17.23
N LYS A 40 -12.34 4.87 -18.20
CA LYS A 40 -11.08 4.14 -18.10
C LYS A 40 -10.22 4.80 -17.01
N LYS A 41 -10.36 6.11 -16.91
CA LYS A 41 -9.61 6.87 -15.91
C LYS A 41 -10.04 6.44 -14.51
N PHE A 42 -11.35 6.37 -14.33
CA PHE A 42 -11.90 5.98 -13.05
C PHE A 42 -11.55 4.53 -12.71
N TYR A 43 -11.53 3.71 -13.75
CA TYR A 43 -11.21 2.29 -13.57
C TYR A 43 -9.74 2.12 -13.19
N ALA A 44 -8.89 2.93 -13.81
CA ALA A 44 -7.46 2.86 -13.53
C ALA A 44 -7.20 3.37 -12.11
N ILE A 45 -7.94 4.40 -11.74
CA ILE A 45 -7.79 4.98 -10.41
C ILE A 45 -8.14 3.94 -9.36
N THR A 46 -9.28 3.28 -9.57
CA THR A 46 -9.73 2.26 -8.65
C THR A 46 -8.77 1.06 -8.66
N THR A 47 -8.07 0.91 -9.77
CA THR A 47 -7.12 -0.17 -9.91
C THR A 47 -5.76 0.24 -9.35
N LEU A 48 -5.60 1.53 -9.16
CA LEU A 48 -4.35 2.07 -8.63
C LEU A 48 -4.57 2.52 -7.19
N VAL A 49 -5.74 2.17 -6.66
CA VAL A 49 -6.07 2.53 -5.29
C VAL A 49 -5.07 1.89 -4.33
N PRO A 50 -4.85 0.57 -4.53
CA PRO A 50 -3.92 -0.17 -3.70
C PRO A 50 -2.47 0.17 -4.06
N ALA A 51 -2.29 0.64 -5.29
CA ALA A 51 -0.97 1.00 -5.77
C ALA A 51 -0.52 2.29 -5.08
N ILE A 52 -1.46 3.21 -4.94
CA ILE A 52 -1.18 4.48 -4.30
C ILE A 52 -1.03 4.27 -2.79
N ALA A 53 -1.87 3.39 -2.27
CA ALA A 53 -1.84 3.09 -0.84
C ALA A 53 -0.49 2.45 -0.48
N PHE A 54 -0.05 1.54 -1.35
CA PHE A 54 1.21 0.86 -1.14
C PHE A 54 2.39 1.83 -1.25
N THR A 55 2.29 2.72 -2.24
CA THR A 55 3.33 3.71 -2.45
C THR A 55 3.44 4.66 -1.27
N MET A 56 2.27 5.02 -0.74
CA MET A 56 2.22 5.93 0.40
C MET A 56 2.81 5.28 1.64
N TYR A 57 2.45 4.02 1.85
CA TYR A 57 2.94 3.28 2.99
C TYR A 57 4.44 3.00 2.87
N LEU A 58 4.86 2.77 1.64
CA LEU A 58 6.27 2.50 1.37
C LEU A 58 7.10 3.75 1.69
N SER A 59 6.59 4.89 1.24
CA SER A 59 7.26 6.15 1.47
C SER A 59 7.29 6.48 2.96
N MET A 60 6.21 6.08 3.63
CA MET A 60 6.10 6.32 5.06
C MET A 60 7.11 5.49 5.85
N LEU A 61 7.22 4.22 5.45
CA LEU A 61 8.14 3.31 6.11
C LEU A 61 9.58 3.76 5.82
N LEU A 62 9.77 4.28 4.62
CA LEU A 62 11.09 4.74 4.20
C LEU A 62 11.49 5.95 5.05
N GLY A 63 10.55 6.88 5.17
CA GLY A 63 10.80 8.09 5.95
C GLY A 63 11.02 7.75 7.43
N TYR A 64 10.26 6.76 7.90
CA TYR A 64 10.36 6.34 9.28
C TYR A 64 11.69 5.61 9.53
N GLY A 65 12.29 5.14 8.44
CA GLY A 65 13.55 4.44 8.53
C GLY A 65 14.73 5.40 8.41
N LEU A 66 14.46 6.54 7.81
CA LEU A 66 15.48 7.55 7.62
C LEU A 66 15.60 8.40 8.89
N THR A 67 14.45 8.71 9.46
CA THR A 67 14.40 9.51 10.67
C THR A 67 15.05 8.76 11.84
N MET A 68 15.05 7.44 11.72
CA MET A 68 15.63 6.60 12.75
C MET A 68 17.09 6.26 12.42
N VAL A 69 17.30 5.87 11.17
CA VAL A 69 18.64 5.51 10.72
C VAL A 69 18.91 6.20 9.38
N PRO A 70 19.38 7.48 9.47
CA PRO A 70 19.68 8.25 8.28
C PRO A 70 20.99 7.79 7.65
N ALA A 2 6.40 -5.14 27.23
CA ALA A 2 6.29 -6.52 26.79
C ALA A 2 7.69 -7.16 26.77
N GLN A 3 7.77 -8.31 26.12
CA GLN A 3 9.02 -9.03 26.02
C GLN A 3 10.04 -8.21 25.21
N ILE A 4 10.92 -7.55 25.93
CA ILE A 4 11.94 -6.73 25.29
C ILE A 4 11.28 -5.53 24.61
N THR A 5 10.66 -5.80 23.47
CA THR A 5 9.98 -4.76 22.73
C THR A 5 8.49 -5.06 22.62
N GLY A 6 7.71 -3.98 22.55
CA GLY A 6 6.26 -4.12 22.45
C GLY A 6 5.67 -2.94 21.69
N ARG A 7 6.13 -2.76 20.46
CA ARG A 7 5.65 -1.69 19.61
C ARG A 7 5.83 -2.05 18.13
N PRO A 8 4.90 -2.91 17.63
CA PRO A 8 4.95 -3.34 16.25
C PRO A 8 4.16 -2.39 15.35
N GLU A 9 4.49 -1.11 15.45
CA GLU A 9 3.82 -0.09 14.66
C GLU A 9 4.36 -0.10 13.22
N TRP A 10 5.69 -0.09 13.13
CA TRP A 10 6.34 -0.08 11.83
C TRP A 10 6.06 -1.44 11.16
N ILE A 11 5.91 -2.45 12.00
CA ILE A 11 5.65 -3.79 11.51
C ILE A 11 4.22 -3.86 10.96
N TRP A 12 3.30 -3.23 11.68
CA TRP A 12 1.90 -3.21 11.29
C TRP A 12 1.81 -2.42 9.98
N LEU A 13 2.65 -1.40 9.87
CA LEU A 13 2.66 -0.56 8.68
C LEU A 13 3.18 -1.38 7.49
N ALA A 14 4.24 -2.14 7.76
CA ALA A 14 4.84 -2.97 6.72
C ALA A 14 3.81 -3.98 6.22
N LEU A 15 3.07 -4.55 7.16
CA LEU A 15 2.05 -5.52 6.82
C LEU A 15 0.94 -4.84 6.03
N GLY A 16 0.63 -3.61 6.44
CA GLY A 16 -0.41 -2.85 5.77
C GLY A 16 -0.03 -2.54 4.32
N THR A 17 1.24 -2.21 4.14
CA THR A 17 1.74 -1.90 2.81
C THR A 17 1.76 -3.15 1.94
N ALA A 18 2.08 -4.27 2.57
CA ALA A 18 2.15 -5.55 1.87
C ALA A 18 0.74 -5.93 1.40
N LEU A 19 -0.22 -5.75 2.30
CA LEU A 19 -1.60 -6.08 2.00
C LEU A 19 -2.09 -5.20 0.83
N MET A 20 -1.82 -3.91 0.97
CA MET A 20 -2.22 -2.95 -0.05
C MET A 20 -1.60 -3.30 -1.40
N GLY A 21 -0.33 -3.70 -1.35
CA GLY A 21 0.39 -4.07 -2.55
C GLY A 21 -0.27 -5.26 -3.25
N LEU A 22 -0.60 -6.27 -2.45
CA LEU A 22 -1.23 -7.46 -2.97
C LEU A 22 -2.60 -7.09 -3.55
N GLY A 23 -3.26 -6.15 -2.89
CA GLY A 23 -4.57 -5.70 -3.32
C GLY A 23 -4.49 -4.99 -4.68
N THR A 24 -3.43 -4.22 -4.84
CA THR A 24 -3.22 -3.49 -6.08
C THR A 24 -2.91 -4.45 -7.22
N LEU A 25 -2.08 -5.43 -6.92
CA LEU A 25 -1.69 -6.43 -7.91
C LEU A 25 -2.93 -7.21 -8.35
N TYR A 26 -3.72 -7.60 -7.35
CA TYR A 26 -4.93 -8.36 -7.62
C TYR A 26 -5.91 -7.54 -8.47
N PHE A 27 -6.01 -6.27 -8.14
CA PHE A 27 -6.90 -5.38 -8.87
C PHE A 27 -6.43 -5.17 -10.31
N LEU A 28 -5.12 -5.25 -10.48
CA LEU A 28 -4.53 -5.08 -11.80
C LEU A 28 -4.81 -6.32 -12.65
N VAL A 29 -4.64 -7.48 -12.02
CA VAL A 29 -4.87 -8.74 -12.71
C VAL A 29 -6.36 -8.84 -13.08
N LYS A 30 -7.20 -8.42 -12.16
CA LYS A 30 -8.63 -8.45 -12.37
C LYS A 30 -9.00 -7.44 -13.47
N GLY A 31 -8.36 -6.29 -13.40
CA GLY A 31 -8.61 -5.23 -14.36
C GLY A 31 -8.24 -5.69 -15.78
N MET A 32 -7.12 -6.39 -15.87
CA MET A 32 -6.66 -6.89 -17.16
C MET A 32 -7.50 -8.08 -17.61
N GLY A 33 -7.98 -8.83 -16.64
CA GLY A 33 -8.80 -10.01 -16.93
C GLY A 33 -10.16 -9.60 -17.49
N VAL A 34 -10.66 -8.47 -17.00
CA VAL A 34 -11.95 -7.96 -17.44
C VAL A 34 -11.72 -6.87 -18.48
N PRO A 37 -15.62 4.43 -21.69
CA PRO A 37 -14.37 5.09 -21.35
C PRO A 37 -14.37 5.54 -19.89
N ASP A 38 -15.54 5.95 -19.42
CA ASP A 38 -15.68 6.40 -18.05
C ASP A 38 -15.46 5.23 -17.10
N ALA A 39 -15.87 4.04 -17.57
CA ALA A 39 -15.72 2.84 -16.77
C ALA A 39 -14.24 2.45 -16.70
N LYS A 40 -13.56 2.69 -17.82
CA LYS A 40 -12.14 2.37 -17.90
C LYS A 40 -11.35 3.32 -17.00
N LYS A 41 -11.75 4.58 -17.02
CA LYS A 41 -11.09 5.60 -16.22
C LYS A 41 -11.29 5.27 -14.74
N PHE A 42 -12.54 4.97 -14.40
CA PHE A 42 -12.88 4.64 -13.02
C PHE A 42 -12.10 3.42 -12.54
N TYR A 43 -12.00 2.44 -13.42
CA TYR A 43 -11.29 1.21 -13.10
C TYR A 43 -9.80 1.48 -12.91
N ALA A 44 -9.27 2.36 -13.76
CA ALA A 44 -7.87 2.71 -13.69
C ALA A 44 -7.56 3.34 -12.32
N ILE A 45 -8.42 4.27 -11.94
CA ILE A 45 -8.27 4.95 -10.67
C ILE A 45 -8.41 3.94 -9.52
N THR A 46 -9.32 3.00 -9.73
CA THR A 46 -9.57 1.97 -8.72
C THR A 46 -8.40 0.99 -8.67
N THR A 47 -7.61 1.00 -9.74
CA THR A 47 -6.46 0.12 -9.82
C THR A 47 -5.20 0.85 -9.35
N LEU A 48 -5.29 2.17 -9.30
CA LEU A 48 -4.16 2.99 -8.87
C LEU A 48 -4.39 3.42 -7.42
N VAL A 49 -5.57 3.11 -6.91
CA VAL A 49 -5.92 3.45 -5.54
C VAL A 49 -5.00 2.70 -4.58
N PRO A 50 -4.91 1.36 -4.80
CA PRO A 50 -4.06 0.52 -3.96
C PRO A 50 -2.58 0.72 -4.29
N ALA A 51 -2.34 1.24 -5.49
CA ALA A 51 -0.98 1.49 -5.94
C ALA A 51 -0.41 2.69 -5.20
N ILE A 52 -1.25 3.72 -5.07
CA ILE A 52 -0.84 4.94 -4.40
C ILE A 52 -0.78 4.68 -2.89
N ALA A 53 -1.72 3.87 -2.42
CA ALA A 53 -1.79 3.54 -1.01
C ALA A 53 -0.53 2.78 -0.61
N PHE A 54 -0.13 1.85 -1.47
CA PHE A 54 1.06 1.06 -1.22
C PHE A 54 2.32 1.92 -1.29
N THR A 55 2.32 2.84 -2.24
CA THR A 55 3.45 3.73 -2.42
C THR A 55 3.64 4.62 -1.18
N MET A 56 2.52 5.14 -0.70
CA MET A 56 2.54 6.00 0.47
C MET A 56 2.98 5.22 1.71
N TYR A 57 2.43 4.03 1.86
CA TYR A 57 2.77 3.19 2.99
C TYR A 57 4.24 2.78 2.96
N LEU A 58 4.73 2.52 1.75
CA LEU A 58 6.11 2.13 1.57
C LEU A 58 7.03 3.29 1.96
N SER A 59 6.67 4.47 1.49
CA SER A 59 7.44 5.66 1.78
C SER A 59 7.47 5.91 3.29
N MET A 60 6.34 5.60 3.93
CA MET A 60 6.23 5.79 5.36
C MET A 60 7.06 4.75 6.12
N LEU A 61 7.11 3.56 5.56
CA LEU A 61 7.86 2.47 6.17
C LEU A 61 9.36 2.78 6.07
N LEU A 62 9.72 3.45 4.99
CA LEU A 62 11.11 3.81 4.76
C LEU A 62 11.45 5.05 5.59
N GLY A 63 10.45 5.91 5.74
CA GLY A 63 10.65 7.13 6.51
C GLY A 63 10.40 6.90 8.00
N TYR A 64 9.95 5.69 8.30
CA TYR A 64 9.68 5.32 9.67
C TYR A 64 10.87 5.65 10.58
N GLY A 65 10.56 5.96 11.83
CA GLY A 65 11.59 6.30 12.79
C GLY A 65 10.97 6.88 14.07
N LEU A 66 11.78 7.67 14.76
CA LEU A 66 11.33 8.29 16.00
C LEU A 66 10.61 9.60 15.67
N THR A 67 11.10 10.27 14.64
CA THR A 67 10.51 11.52 14.21
C THR A 67 9.17 11.28 13.52
N MET A 68 9.06 10.09 12.93
CA MET A 68 7.84 9.73 12.22
C MET A 68 6.87 9.01 13.17
N VAL A 69 7.41 8.07 13.92
CA VAL A 69 6.60 7.30 14.86
C VAL A 69 7.30 7.27 16.22
N PRO A 70 7.07 8.34 17.01
CA PRO A 70 7.67 8.46 18.33
C PRO A 70 6.97 7.53 19.32
N ALA A 2 9.49 3.55 26.86
CA ALA A 2 9.18 4.86 27.40
C ALA A 2 8.02 5.48 26.61
N GLN A 3 7.12 4.61 26.17
CA GLN A 3 5.96 5.05 25.40
C GLN A 3 6.37 5.36 23.96
N ILE A 4 7.24 6.35 23.82
CA ILE A 4 7.72 6.74 22.51
C ILE A 4 7.54 5.57 21.53
N THR A 5 6.45 5.62 20.80
CA THR A 5 6.15 4.57 19.82
C THR A 5 6.72 3.23 20.30
N GLY A 6 6.14 2.74 21.38
CA GLY A 6 6.58 1.46 21.94
C GLY A 6 6.05 0.29 21.11
N ARG A 7 4.85 0.47 20.59
CA ARG A 7 4.22 -0.56 19.78
C ARG A 7 4.92 -0.68 18.43
N PRO A 8 4.76 -1.88 17.81
CA PRO A 8 5.38 -2.13 16.52
C PRO A 8 4.49 -1.64 15.37
N GLU A 9 4.35 -0.32 15.31
CA GLU A 9 3.53 0.29 14.28
C GLU A 9 4.25 0.22 12.93
N TRP A 10 5.56 0.06 12.99
CA TRP A 10 6.36 -0.01 11.79
C TRP A 10 6.09 -1.37 11.12
N ILE A 11 5.88 -2.38 11.95
CA ILE A 11 5.60 -3.71 11.46
C ILE A 11 4.16 -3.77 10.92
N TRP A 12 3.27 -3.11 11.66
CA TRP A 12 1.87 -3.08 11.27
C TRP A 12 1.75 -2.33 9.95
N LEU A 13 2.60 -1.31 9.81
CA LEU A 13 2.60 -0.50 8.60
C LEU A 13 3.14 -1.34 7.44
N ALA A 14 4.18 -2.11 7.73
CA ALA A 14 4.78 -2.95 6.72
C ALA A 14 3.76 -3.97 6.22
N LEU A 15 3.00 -4.51 7.16
CA LEU A 15 1.98 -5.49 6.83
C LEU A 15 0.87 -4.81 6.01
N GLY A 16 0.56 -3.58 6.41
CA GLY A 16 -0.46 -2.83 5.72
C GLY A 16 -0.07 -2.54 4.27
N THR A 17 1.20 -2.22 4.09
CA THR A 17 1.72 -1.94 2.76
C THR A 17 1.75 -3.20 1.91
N ALA A 18 2.07 -4.31 2.57
CA ALA A 18 2.13 -5.59 1.89
C ALA A 18 0.73 -5.98 1.42
N LEU A 19 -0.24 -5.76 2.29
CA LEU A 19 -1.62 -6.09 1.97
C LEU A 19 -2.09 -5.22 0.80
N MET A 20 -1.77 -3.94 0.89
CA MET A 20 -2.15 -3.00 -0.15
C MET A 20 -1.47 -3.35 -1.48
N GLY A 21 -0.24 -3.84 -1.38
CA GLY A 21 0.52 -4.20 -2.55
C GLY A 21 -0.13 -5.38 -3.27
N LEU A 22 -0.42 -6.42 -2.50
CA LEU A 22 -1.04 -7.62 -3.05
C LEU A 22 -2.44 -7.26 -3.59
N GLY A 23 -3.10 -6.39 -2.85
CA GLY A 23 -4.44 -5.96 -3.22
C GLY A 23 -4.41 -5.19 -4.55
N THR A 24 -3.35 -4.40 -4.72
CA THR A 24 -3.19 -3.62 -5.93
C THR A 24 -2.92 -4.53 -7.13
N LEU A 25 -2.05 -5.50 -6.90
CA LEU A 25 -1.70 -6.45 -7.95
C LEU A 25 -2.94 -7.23 -8.37
N TYR A 26 -3.72 -7.63 -7.37
CA TYR A 26 -4.94 -8.39 -7.62
C TYR A 26 -5.94 -7.55 -8.42
N PHE A 27 -6.01 -6.27 -8.08
CA PHE A 27 -6.92 -5.37 -8.75
C PHE A 27 -6.47 -5.09 -10.19
N LEU A 28 -5.16 -5.14 -10.38
CA LEU A 28 -4.59 -4.90 -11.70
C LEU A 28 -4.85 -6.13 -12.59
N VAL A 29 -4.79 -7.29 -11.97
CA VAL A 29 -5.02 -8.53 -12.68
C VAL A 29 -6.47 -8.56 -13.19
N LYS A 30 -7.37 -8.15 -12.32
CA LYS A 30 -8.78 -8.12 -12.67
C LYS A 30 -9.04 -7.01 -13.69
N GLY A 31 -8.35 -5.89 -13.47
CA GLY A 31 -8.49 -4.75 -14.36
C GLY A 31 -8.09 -5.11 -15.79
N MET A 32 -7.00 -5.85 -15.90
CA MET A 32 -6.49 -6.27 -17.19
C MET A 32 -7.35 -7.39 -17.77
N GLY A 33 -7.76 -8.29 -16.90
CA GLY A 33 -8.58 -9.41 -17.31
C GLY A 33 -8.15 -10.71 -16.62
N VAL A 34 -6.91 -11.10 -16.89
CA VAL A 34 -6.36 -12.31 -16.31
C VAL A 34 -4.84 -12.19 -16.25
N PRO A 37 -16.89 8.95 -21.41
CA PRO A 37 -17.55 8.62 -20.16
C PRO A 37 -16.59 8.73 -18.98
N ASP A 38 -15.30 8.65 -19.30
CA ASP A 38 -14.27 8.74 -18.27
C ASP A 38 -14.43 7.58 -17.29
N ALA A 39 -14.98 6.48 -17.80
CA ALA A 39 -15.19 5.30 -16.99
C ALA A 39 -13.89 4.50 -16.90
N LYS A 40 -13.12 4.56 -17.98
CA LYS A 40 -11.85 3.86 -18.04
C LYS A 40 -10.86 4.51 -17.06
N LYS A 41 -11.02 5.81 -16.91
CA LYS A 41 -10.16 6.55 -16.00
C LYS A 41 -10.50 6.21 -14.56
N PHE A 42 -11.80 6.18 -14.29
CA PHE A 42 -12.28 5.87 -12.95
C PHE A 42 -11.85 4.46 -12.54
N TYR A 43 -11.91 3.54 -13.49
CA TYR A 43 -11.53 2.17 -13.23
C TYR A 43 -10.03 2.05 -13.00
N ALA A 44 -9.27 2.80 -13.79
CA ALA A 44 -7.82 2.79 -13.67
C ALA A 44 -7.41 3.30 -12.29
N ILE A 45 -8.06 4.40 -11.90
CA ILE A 45 -7.77 5.00 -10.60
C ILE A 45 -8.14 4.02 -9.50
N THR A 46 -9.27 3.36 -9.69
CA THR A 46 -9.73 2.38 -8.71
C THR A 46 -8.78 1.18 -8.66
N THR A 47 -8.08 0.97 -9.76
CA THR A 47 -7.15 -0.13 -9.85
C THR A 47 -5.76 0.30 -9.34
N LEU A 48 -5.59 1.61 -9.26
CA LEU A 48 -4.33 2.17 -8.79
C LEU A 48 -4.49 2.65 -7.34
N VAL A 49 -5.65 2.35 -6.78
CA VAL A 49 -5.94 2.74 -5.41
C VAL A 49 -4.93 2.06 -4.48
N PRO A 50 -4.77 0.73 -4.67
CA PRO A 50 -3.84 -0.03 -3.85
C PRO A 50 -2.38 0.24 -4.26
N ALA A 51 -2.24 0.82 -5.44
CA ALA A 51 -0.92 1.14 -5.96
C ALA A 51 -0.36 2.35 -5.20
N ILE A 52 -1.19 3.38 -5.10
CA ILE A 52 -0.79 4.59 -4.40
C ILE A 52 -0.75 4.32 -2.90
N ALA A 53 -1.59 3.39 -2.47
CA ALA A 53 -1.66 3.03 -1.06
C ALA A 53 -0.36 2.33 -0.65
N PHE A 54 0.07 1.41 -1.51
CA PHE A 54 1.30 0.67 -1.24
C PHE A 54 2.52 1.58 -1.32
N THR A 55 2.47 2.50 -2.27
CA THR A 55 3.56 3.44 -2.45
C THR A 55 3.64 4.41 -1.27
N MET A 56 2.48 4.80 -0.78
CA MET A 56 2.41 5.72 0.34
C MET A 56 2.92 5.05 1.62
N TYR A 57 2.55 3.79 1.78
CA TYR A 57 2.96 3.03 2.95
C TYR A 57 4.48 2.91 3.02
N LEU A 58 5.07 2.65 1.86
CA LEU A 58 6.52 2.51 1.78
C LEU A 58 7.17 3.86 2.04
N SER A 59 6.52 4.91 1.55
CA SER A 59 7.03 6.26 1.73
C SER A 59 7.00 6.65 3.22
N MET A 60 5.95 6.18 3.88
CA MET A 60 5.79 6.47 5.30
C MET A 60 6.83 5.72 6.13
N LEU A 61 6.95 4.43 5.87
CA LEU A 61 7.90 3.61 6.59
C LEU A 61 9.31 4.14 6.35
N LEU A 62 9.56 4.57 5.13
CA LEU A 62 10.86 5.10 4.76
C LEU A 62 11.08 6.43 5.50
N GLY A 63 10.01 7.21 5.58
CA GLY A 63 10.07 8.49 6.25
C GLY A 63 10.52 8.33 7.70
N TYR A 64 9.90 7.38 8.38
CA TYR A 64 10.22 7.11 9.77
C TYR A 64 11.53 6.32 9.89
N GLY A 65 12.15 6.44 11.05
CA GLY A 65 13.40 5.75 11.31
C GLY A 65 13.80 5.86 12.78
N LEU A 66 14.02 7.08 13.21
CA LEU A 66 14.41 7.34 14.59
C LEU A 66 13.17 7.22 15.49
N THR A 67 12.04 7.65 14.95
CA THR A 67 10.80 7.60 15.68
C THR A 67 10.24 6.17 15.69
N MET A 68 10.58 5.44 14.65
CA MET A 68 10.11 4.06 14.52
C MET A 68 10.65 3.20 15.67
N VAL A 69 11.92 3.42 16.00
CA VAL A 69 12.56 2.68 17.07
C VAL A 69 12.50 3.49 18.36
N PRO A 70 12.51 2.75 19.50
CA PRO A 70 12.45 3.38 20.80
C PRO A 70 13.79 4.04 21.16
N ALA A 2 16.23 4.37 16.88
CA ALA A 2 15.64 3.06 17.06
C ALA A 2 15.80 2.24 15.78
N GLN A 3 17.05 1.91 15.47
CA GLN A 3 17.35 1.13 14.29
C GLN A 3 16.78 -0.28 14.41
N ILE A 4 16.45 -0.65 15.64
CA ILE A 4 15.89 -1.96 15.90
C ILE A 4 14.37 -1.88 15.80
N THR A 5 13.89 -0.73 15.36
CA THR A 5 12.46 -0.53 15.21
C THR A 5 11.69 -1.29 16.29
N GLY A 6 11.88 -0.86 17.52
CA GLY A 6 11.21 -1.49 18.65
C GLY A 6 9.70 -1.44 18.48
N ARG A 7 9.21 -0.28 18.09
CA ARG A 7 7.79 -0.09 17.90
C ARG A 7 7.23 -1.13 16.91
N PRO A 8 6.05 -1.68 17.27
CA PRO A 8 5.42 -2.69 16.43
C PRO A 8 4.52 -2.04 15.38
N GLU A 9 4.32 -0.74 15.55
CA GLU A 9 3.48 0.01 14.62
C GLU A 9 4.13 0.04 13.23
N TRP A 10 5.46 -0.08 13.23
CA TRP A 10 6.21 -0.06 12.00
C TRP A 10 5.96 -1.38 11.26
N ILE A 11 5.82 -2.43 12.05
CA ILE A 11 5.58 -3.75 11.50
C ILE A 11 4.14 -3.82 10.96
N TRP A 12 3.25 -3.16 11.67
CA TRP A 12 1.85 -3.13 11.29
C TRP A 12 1.75 -2.37 9.96
N LEU A 13 2.57 -1.34 9.84
CA LEU A 13 2.59 -0.52 8.64
C LEU A 13 3.14 -1.34 7.47
N ALA A 14 4.20 -2.08 7.76
CA ALA A 14 4.83 -2.92 6.75
C ALA A 14 3.81 -3.93 6.22
N LEU A 15 3.09 -4.54 7.15
CA LEU A 15 2.09 -5.53 6.79
C LEU A 15 0.97 -4.84 6.00
N GLY A 16 0.63 -3.64 6.43
CA GLY A 16 -0.41 -2.87 5.78
C GLY A 16 -0.04 -2.57 4.32
N THR A 17 1.23 -2.25 4.12
CA THR A 17 1.72 -1.95 2.79
C THR A 17 1.77 -3.21 1.93
N ALA A 18 2.08 -4.32 2.59
CA ALA A 18 2.15 -5.60 1.90
C ALA A 18 0.76 -5.99 1.40
N LEU A 19 -0.21 -5.89 2.30
CA LEU A 19 -1.58 -6.22 1.95
C LEU A 19 -2.06 -5.30 0.83
N MET A 20 -1.75 -4.02 0.98
CA MET A 20 -2.14 -3.03 -0.01
C MET A 20 -1.53 -3.35 -1.37
N GLY A 21 -0.27 -3.75 -1.34
CA GLY A 21 0.43 -4.10 -2.56
C GLY A 21 -0.22 -5.28 -3.28
N LEU A 22 -0.54 -6.29 -2.49
CA LEU A 22 -1.18 -7.49 -3.02
C LEU A 22 -2.54 -7.12 -3.59
N GLY A 23 -3.20 -6.20 -2.91
CA GLY A 23 -4.52 -5.76 -3.33
C GLY A 23 -4.45 -5.03 -4.67
N THR A 24 -3.40 -4.24 -4.82
CA THR A 24 -3.20 -3.48 -6.05
C THR A 24 -2.89 -4.42 -7.21
N LEU A 25 -2.04 -5.41 -6.93
CA LEU A 25 -1.66 -6.38 -7.94
C LEU A 25 -2.89 -7.16 -8.38
N TYR A 26 -3.69 -7.56 -7.39
CA TYR A 26 -4.90 -8.32 -7.67
C TYR A 26 -5.89 -7.49 -8.49
N PHE A 27 -5.96 -6.20 -8.15
CA PHE A 27 -6.85 -5.29 -8.84
C PHE A 27 -6.45 -5.12 -10.31
N LEU A 28 -5.14 -5.14 -10.52
CA LEU A 28 -4.60 -4.98 -11.86
C LEU A 28 -4.88 -6.26 -12.67
N VAL A 29 -4.76 -7.38 -11.99
CA VAL A 29 -4.99 -8.67 -12.62
C VAL A 29 -6.48 -8.84 -12.88
N LYS A 30 -7.28 -8.24 -12.02
CA LYS A 30 -8.72 -8.31 -12.14
C LYS A 30 -9.18 -7.43 -13.31
N GLY A 31 -8.61 -6.23 -13.36
CA GLY A 31 -8.95 -5.29 -14.41
C GLY A 31 -8.53 -5.83 -15.79
N MET A 32 -7.30 -6.32 -15.84
CA MET A 32 -6.77 -6.87 -17.08
C MET A 32 -7.42 -8.21 -17.40
N GLY A 33 -7.78 -8.93 -16.36
CA GLY A 33 -8.41 -10.23 -16.52
C GLY A 33 -7.38 -11.35 -16.45
N VAL A 34 -6.50 -11.35 -17.44
CA VAL A 34 -5.45 -12.36 -17.50
C VAL A 34 -4.28 -11.94 -16.61
N PRO A 37 -15.57 -2.04 -17.45
CA PRO A 37 -15.21 -2.21 -18.84
C PRO A 37 -15.40 -0.92 -19.63
N ASP A 38 -16.54 -0.29 -19.40
CA ASP A 38 -16.86 0.96 -20.09
C ASP A 38 -15.97 2.08 -19.53
N ALA A 39 -15.62 1.93 -18.26
CA ALA A 39 -14.77 2.92 -17.60
C ALA A 39 -13.32 2.68 -18.01
N LYS A 40 -12.51 3.72 -17.82
CA LYS A 40 -11.10 3.65 -18.15
C LYS A 40 -10.29 4.44 -17.13
N LYS A 41 -10.62 5.71 -17.03
CA LYS A 41 -9.92 6.59 -16.10
C LYS A 41 -10.30 6.19 -14.66
N PHE A 42 -11.60 6.11 -14.43
CA PHE A 42 -12.10 5.75 -13.11
C PHE A 42 -11.69 4.32 -12.74
N TYR A 43 -11.62 3.49 -13.77
CA TYR A 43 -11.25 2.10 -13.57
C TYR A 43 -9.76 1.98 -13.18
N ALA A 44 -8.95 2.79 -13.83
CA ALA A 44 -7.52 2.79 -13.57
C ALA A 44 -7.27 3.34 -12.17
N ILE A 45 -8.03 4.35 -11.81
CA ILE A 45 -7.91 4.98 -10.50
C ILE A 45 -8.21 3.94 -9.42
N THR A 46 -9.33 3.25 -9.60
CA THR A 46 -9.74 2.24 -8.65
C THR A 46 -8.75 1.07 -8.65
N THR A 47 -8.05 0.92 -9.76
CA THR A 47 -7.07 -0.14 -9.90
C THR A 47 -5.72 0.30 -9.35
N LEU A 48 -5.59 1.62 -9.18
CA LEU A 48 -4.36 2.18 -8.67
C LEU A 48 -4.56 2.64 -7.23
N VAL A 49 -5.73 2.29 -6.70
CA VAL A 49 -6.07 2.66 -5.33
C VAL A 49 -5.07 2.01 -4.37
N PRO A 50 -4.85 0.68 -4.57
CA PRO A 50 -3.92 -0.06 -3.74
C PRO A 50 -2.48 0.26 -4.10
N ALA A 51 -2.30 0.73 -5.33
CA ALA A 51 -0.98 1.08 -5.81
C ALA A 51 -0.51 2.36 -5.13
N ILE A 52 -1.44 3.30 -4.98
CA ILE A 52 -1.14 4.56 -4.34
C ILE A 52 -1.00 4.34 -2.83
N ALA A 53 -1.85 3.49 -2.31
CA ALA A 53 -1.84 3.18 -0.88
C ALA A 53 -0.50 2.54 -0.52
N PHE A 54 -0.04 1.66 -1.40
CA PHE A 54 1.22 0.96 -1.19
C PHE A 54 2.39 1.93 -1.30
N THR A 55 2.29 2.83 -2.25
CA THR A 55 3.33 3.83 -2.47
C THR A 55 3.48 4.72 -1.24
N MET A 56 2.35 5.15 -0.72
CA MET A 56 2.33 6.02 0.45
C MET A 56 2.91 5.29 1.67
N TYR A 57 2.45 4.06 1.86
CA TYR A 57 2.90 3.26 2.97
C TYR A 57 4.40 2.98 2.88
N LEU A 58 4.85 2.76 1.65
CA LEU A 58 6.26 2.49 1.41
C LEU A 58 7.08 3.72 1.79
N SER A 59 6.60 4.86 1.36
CA SER A 59 7.28 6.12 1.65
C SER A 59 7.38 6.33 3.16
N MET A 60 6.28 5.99 3.84
CA MET A 60 6.24 6.14 5.29
C MET A 60 7.26 5.23 5.97
N LEU A 61 7.27 3.98 5.53
CA LEU A 61 8.19 3.01 6.10
C LEU A 61 9.63 3.47 5.84
N LEU A 62 9.82 4.11 4.70
CA LEU A 62 11.14 4.60 4.33
C LEU A 62 11.54 5.73 5.28
N GLY A 63 10.59 6.62 5.54
CA GLY A 63 10.83 7.74 6.43
C GLY A 63 11.22 7.26 7.83
N TYR A 64 10.46 6.29 8.32
CA TYR A 64 10.71 5.73 9.64
C TYR A 64 11.83 4.69 9.59
N GLY A 65 12.23 4.24 10.77
CA GLY A 65 13.28 3.25 10.87
C GLY A 65 13.44 2.77 12.32
N LEU A 66 13.73 3.73 13.20
CA LEU A 66 13.91 3.42 14.60
C LEU A 66 12.55 3.40 15.30
N THR A 67 11.73 4.38 14.94
CA THR A 67 10.40 4.49 15.52
C THR A 67 9.39 4.88 14.46
N MET A 68 8.25 4.21 14.48
CA MET A 68 7.19 4.47 13.52
C MET A 68 6.35 5.67 13.95
N VAL A 69 6.10 5.74 15.26
CA VAL A 69 5.30 6.81 15.82
C VAL A 69 6.10 8.12 15.73
N PRO A 70 5.53 9.10 14.98
CA PRO A 70 6.18 10.38 14.80
C PRO A 70 6.04 11.24 16.07
N ALA A 2 13.99 3.11 11.38
CA ALA A 2 15.29 3.08 12.00
C ALA A 2 15.31 2.03 13.11
N GLN A 3 14.17 1.92 13.79
CA GLN A 3 14.04 0.97 14.87
C GLN A 3 13.59 -0.40 14.33
N ILE A 4 14.49 -1.02 13.58
CA ILE A 4 14.20 -2.33 13.00
C ILE A 4 13.72 -3.27 14.10
N THR A 5 14.23 -3.04 15.30
CA THR A 5 13.86 -3.87 16.43
C THR A 5 12.57 -3.36 17.08
N GLY A 6 11.73 -4.29 17.49
CA GLY A 6 10.46 -3.95 18.12
C GLY A 6 9.61 -3.09 17.18
N ARG A 7 8.94 -2.12 17.78
CA ARG A 7 8.08 -1.22 17.02
C ARG A 7 7.05 -2.02 16.22
N PRO A 8 5.97 -2.45 16.94
CA PRO A 8 4.92 -3.22 16.30
C PRO A 8 4.09 -2.35 15.35
N GLU A 9 4.23 -1.04 15.53
CA GLU A 9 3.51 -0.09 14.70
C GLU A 9 4.10 -0.07 13.29
N TRP A 10 5.42 -0.12 13.23
CA TRP A 10 6.13 -0.10 11.96
C TRP A 10 5.86 -1.44 11.26
N ILE A 11 5.78 -2.48 12.07
CA ILE A 11 5.54 -3.81 11.54
C ILE A 11 4.11 -3.88 10.98
N TRP A 12 3.20 -3.23 11.68
CA TRP A 12 1.81 -3.21 11.26
C TRP A 12 1.73 -2.42 9.95
N LEU A 13 2.56 -1.39 9.86
CA LEU A 13 2.58 -0.55 8.67
C LEU A 13 3.12 -1.38 7.49
N ALA A 14 4.15 -2.16 7.77
CA ALA A 14 4.76 -2.99 6.74
C ALA A 14 3.72 -3.99 6.22
N LEU A 15 2.97 -4.56 7.16
CA LEU A 15 1.95 -5.52 6.81
C LEU A 15 0.86 -4.82 5.98
N GLY A 16 0.55 -3.61 6.39
CA GLY A 16 -0.47 -2.83 5.70
C GLY A 16 -0.05 -2.54 4.25
N THR A 17 1.22 -2.21 4.09
CA THR A 17 1.75 -1.90 2.77
C THR A 17 1.77 -3.16 1.91
N ALA A 18 2.07 -4.28 2.54
CA ALA A 18 2.12 -5.55 1.84
C ALA A 18 0.71 -5.93 1.37
N LEU A 19 -0.26 -5.68 2.24
CA LEU A 19 -1.65 -5.98 1.92
C LEU A 19 -2.09 -5.11 0.75
N MET A 20 -1.75 -3.84 0.83
CA MET A 20 -2.11 -2.89 -0.22
C MET A 20 -1.43 -3.25 -1.54
N GLY A 21 -0.20 -3.74 -1.43
CA GLY A 21 0.57 -4.12 -2.59
C GLY A 21 -0.08 -5.30 -3.32
N LEU A 22 -0.35 -6.35 -2.57
CA LEU A 22 -0.97 -7.54 -3.12
C LEU A 22 -2.37 -7.19 -3.62
N GLY A 23 -3.01 -6.29 -2.88
CA GLY A 23 -4.35 -5.86 -3.24
C GLY A 23 -4.36 -5.11 -4.57
N THR A 24 -3.31 -4.33 -4.78
CA THR A 24 -3.18 -3.55 -6.00
C THR A 24 -2.89 -4.48 -7.18
N LEU A 25 -2.00 -5.43 -6.95
CA LEU A 25 -1.63 -6.37 -7.99
C LEU A 25 -2.86 -7.19 -8.39
N TYR A 26 -3.62 -7.59 -7.38
CA TYR A 26 -4.82 -8.38 -7.62
C TYR A 26 -5.86 -7.57 -8.38
N PHE A 27 -5.95 -6.29 -8.03
CA PHE A 27 -6.90 -5.40 -8.67
C PHE A 27 -6.53 -5.16 -10.14
N LEU A 28 -5.22 -5.18 -10.39
CA LEU A 28 -4.72 -4.96 -11.73
C LEU A 28 -5.00 -6.20 -12.59
N VAL A 29 -4.78 -7.36 -11.98
CA VAL A 29 -5.01 -8.62 -12.67
C VAL A 29 -6.51 -8.81 -12.90
N LYS A 30 -7.28 -8.35 -11.92
CA LYS A 30 -8.72 -8.46 -12.00
C LYS A 30 -9.24 -7.53 -13.09
N GLY A 31 -8.69 -6.33 -13.12
CA GLY A 31 -9.09 -5.34 -14.11
C GLY A 31 -8.73 -5.80 -15.52
N MET A 32 -7.56 -6.41 -15.62
CA MET A 32 -7.09 -6.90 -16.91
C MET A 32 -7.94 -8.07 -17.41
N GLY A 33 -8.14 -9.03 -16.52
CA GLY A 33 -8.94 -10.19 -16.86
C GLY A 33 -8.48 -10.82 -18.18
N VAL A 34 -7.19 -11.13 -18.24
CA VAL A 34 -6.62 -11.73 -19.43
C VAL A 34 -7.32 -11.16 -20.67
N PRO A 37 -19.57 3.46 -13.33
CA PRO A 37 -19.58 3.49 -14.78
C PRO A 37 -18.81 2.30 -15.36
N ASP A 38 -17.91 1.76 -14.53
CA ASP A 38 -17.12 0.61 -14.95
C ASP A 38 -16.32 0.98 -16.20
N ALA A 39 -15.94 2.25 -16.26
CA ALA A 39 -15.17 2.75 -17.40
C ALA A 39 -13.71 2.34 -17.23
N LYS A 40 -12.95 2.51 -18.30
CA LYS A 40 -11.54 2.16 -18.30
C LYS A 40 -10.80 3.12 -17.35
N LYS A 41 -11.17 4.39 -17.42
CA LYS A 41 -10.54 5.40 -16.59
C LYS A 41 -10.88 5.12 -15.13
N PHE A 42 -12.16 4.89 -14.88
CA PHE A 42 -12.63 4.61 -13.53
C PHE A 42 -11.92 3.39 -12.94
N TYR A 43 -11.80 2.37 -13.77
CA TYR A 43 -11.14 1.14 -13.35
C TYR A 43 -9.66 1.39 -13.05
N ALA A 44 -9.05 2.23 -13.87
CA ALA A 44 -7.65 2.56 -13.69
C ALA A 44 -7.45 3.24 -12.34
N ILE A 45 -8.35 4.18 -12.05
CA ILE A 45 -8.28 4.91 -10.79
C ILE A 45 -8.49 3.94 -9.63
N THR A 46 -9.43 3.03 -9.82
CA THR A 46 -9.74 2.04 -8.80
C THR A 46 -8.57 1.08 -8.62
N THR A 47 -7.77 0.95 -9.67
CA THR A 47 -6.61 0.07 -9.65
C THR A 47 -5.37 0.84 -9.20
N LEU A 48 -5.51 2.15 -9.14
CA LEU A 48 -4.42 3.01 -8.73
C LEU A 48 -4.62 3.44 -7.27
N VAL A 49 -5.78 3.08 -6.75
CA VAL A 49 -6.11 3.42 -5.38
C VAL A 49 -5.15 2.71 -4.43
N PRO A 50 -4.99 1.37 -4.66
CA PRO A 50 -4.11 0.57 -3.84
C PRO A 50 -2.64 0.83 -4.19
N ALA A 51 -2.45 1.39 -5.38
CA ALA A 51 -1.11 1.69 -5.85
C ALA A 51 -0.55 2.89 -5.07
N ILE A 52 -1.43 3.87 -4.85
CA ILE A 52 -1.05 5.07 -4.13
C ILE A 52 -0.91 4.73 -2.64
N ALA A 53 -1.80 3.88 -2.17
CA ALA A 53 -1.79 3.47 -0.78
C ALA A 53 -0.49 2.71 -0.48
N PHE A 54 -0.13 1.84 -1.42
CA PHE A 54 1.08 1.05 -1.26
C PHE A 54 2.33 1.94 -1.32
N THR A 55 2.28 2.92 -2.22
CA THR A 55 3.40 3.83 -2.38
C THR A 55 3.57 4.68 -1.12
N MET A 56 2.45 5.10 -0.56
CA MET A 56 2.46 5.92 0.64
C MET A 56 3.01 5.14 1.83
N TYR A 57 2.54 3.90 1.96
CA TYR A 57 2.98 3.04 3.04
C TYR A 57 4.45 2.69 2.89
N LEU A 58 4.85 2.45 1.65
CA LEU A 58 6.24 2.11 1.36
C LEU A 58 7.15 3.29 1.73
N SER A 59 6.67 4.48 1.40
CA SER A 59 7.43 5.69 1.69
C SER A 59 7.52 5.89 3.20
N MET A 60 6.45 5.55 3.89
CA MET A 60 6.39 5.69 5.33
C MET A 60 7.35 4.71 6.01
N LEU A 61 7.35 3.49 5.51
CA LEU A 61 8.22 2.46 6.06
C LEU A 61 9.68 2.81 5.77
N LEU A 62 9.89 3.40 4.59
CA LEU A 62 11.22 3.79 4.19
C LEU A 62 11.73 4.91 5.10
N GLY A 63 10.83 5.84 5.38
CA GLY A 63 11.17 6.97 6.25
C GLY A 63 11.42 6.51 7.68
N TYR A 64 10.61 5.54 8.10
CA TYR A 64 10.73 5.01 9.44
C TYR A 64 12.05 4.25 9.62
N GLY A 65 12.44 3.55 8.57
CA GLY A 65 13.67 2.79 8.60
C GLY A 65 14.06 2.31 7.20
N LEU A 66 15.35 2.12 7.00
CA LEU A 66 15.86 1.67 5.72
C LEU A 66 15.38 0.23 5.46
N THR A 67 15.39 -0.55 6.54
CA THR A 67 14.97 -1.94 6.45
C THR A 67 13.44 -2.04 6.59
N MET A 68 12.84 -2.70 5.61
CA MET A 68 11.39 -2.87 5.62
C MET A 68 10.99 -4.12 4.84
N VAL A 69 11.85 -5.13 4.93
CA VAL A 69 11.60 -6.38 4.23
C VAL A 69 11.82 -7.55 5.20
N PRO A 70 10.76 -7.85 6.00
CA PRO A 70 10.83 -8.93 6.96
C PRO A 70 10.73 -10.28 6.28
#